data_8QDV
#
_entry.id   8QDV
#
_cell.length_a   152.452
_cell.length_b   59.898
_cell.length_c   149.672
_cell.angle_alpha   90.00
_cell.angle_beta   113.18
_cell.angle_gamma   90.00
#
_symmetry.space_group_name_H-M   'C 1 2 1'
#
loop_
_entity.id
_entity.type
_entity.pdbx_description
1 polymer '14-3-3 protein zeta/delta'
2 polymer 'Microtubule-associated protein tau'
3 water water
#
loop_
_entity_poly.entity_id
_entity_poly.type
_entity_poly.pdbx_seq_one_letter_code
_entity_poly.pdbx_strand_id
1 'polypeptide(L)'
;MDKNELVQKAKLAEQAERYDDMAACMKSVTEQGAELSNEERNLLSVAYKNVVGARRSSWRVVSSIEQKTEGAEKKQQMAR
EYREKIETELRDICNDVLSLLEKFLIPNASQAESKVFYLKMKGDYYRYLAEVAAGDDKKGIVDQSQQAYQEAFEISKKEM
QPTHPIRLGLALNFSVFYYEILNSPEKACSLAKTAFDEAIAELDTLSEESYKDSTLIMQLLRDNLTLWTS
;
A,B,E,G
2 'polypeptide(L)' SRTP(SEP)LPTPPTREGGGSGGGSGGGVTSKCG(SEP)LGNIHHK C,F
#
# COMPACT_ATOMS: atom_id res chain seq x y z
N MET A 1 16.09 -11.88 -38.08
CA MET A 1 16.31 -10.94 -36.94
C MET A 1 17.78 -11.00 -36.52
N ASP A 2 18.47 -9.86 -36.58
CA ASP A 2 19.87 -9.73 -36.16
C ASP A 2 19.92 -9.46 -34.65
N LYS A 3 21.12 -9.57 -34.08
CA LYS A 3 21.32 -9.49 -32.64
C LYS A 3 20.57 -8.27 -32.07
N ASN A 4 20.65 -7.14 -32.79
CA ASN A 4 20.04 -5.90 -32.33
C ASN A 4 18.52 -6.00 -32.31
N GLU A 5 17.94 -6.66 -33.32
CA GLU A 5 16.51 -6.87 -33.40
C GLU A 5 16.05 -7.72 -32.21
N LEU A 6 16.72 -8.85 -31.97
CA LEU A 6 16.37 -9.76 -30.89
C LEU A 6 16.40 -9.03 -29.53
N VAL A 7 17.39 -8.17 -29.30
CA VAL A 7 17.48 -7.46 -28.04
C VAL A 7 16.33 -6.45 -27.93
N GLN A 8 15.96 -5.81 -29.04
CA GLN A 8 14.86 -4.87 -29.05
C GLN A 8 13.57 -5.64 -28.72
N LYS A 9 13.43 -6.84 -29.29
CA LYS A 9 12.27 -7.70 -29.14
C LYS A 9 12.19 -8.21 -27.69
N ALA A 10 13.33 -8.60 -27.12
CA ALA A 10 13.39 -9.04 -25.73
C ALA A 10 12.92 -7.93 -24.80
N LYS A 11 13.25 -6.68 -25.14
CA LYS A 11 12.85 -5.55 -24.33
C LYS A 11 11.34 -5.31 -24.45
N LEU A 12 10.78 -5.53 -25.64
CA LEU A 12 9.34 -5.47 -25.82
C LEU A 12 8.63 -6.52 -24.97
N ALA A 13 9.07 -7.77 -25.11
CA ALA A 13 8.54 -8.88 -24.37
C ALA A 13 8.55 -8.57 -22.86
N GLU A 14 9.63 -7.95 -22.38
CA GLU A 14 9.75 -7.64 -20.97
C GLU A 14 8.68 -6.63 -20.56
N GLN A 15 8.48 -5.60 -21.39
CA GLN A 15 7.47 -4.59 -21.17
C GLN A 15 6.09 -5.25 -21.09
N ALA A 16 5.88 -6.28 -21.93
CA ALA A 16 4.60 -6.94 -22.05
C ALA A 16 4.45 -8.09 -21.05
N GLU A 17 5.43 -8.28 -20.17
CA GLU A 17 5.40 -9.35 -19.18
C GLU A 17 5.21 -10.70 -19.85
N ARG A 18 5.87 -10.89 -21.00
CA ARG A 18 5.87 -12.13 -21.74
C ARG A 18 7.27 -12.75 -21.71
N TYR A 19 7.63 -13.33 -20.56
CA TYR A 19 9.01 -13.69 -20.26
C TYR A 19 9.48 -14.91 -21.05
N ASP A 20 8.56 -15.76 -21.52
CA ASP A 20 8.95 -16.92 -22.31
C ASP A 20 9.48 -16.44 -23.66
N ASP A 21 8.81 -15.46 -24.26
CA ASP A 21 9.31 -14.78 -25.45
C ASP A 21 10.67 -14.14 -25.17
N MET A 22 10.76 -13.46 -24.02
CA MET A 22 11.96 -12.73 -23.65
C MET A 22 13.12 -13.72 -23.58
N ALA A 23 12.90 -14.86 -22.91
CA ALA A 23 13.90 -15.90 -22.81
C ALA A 23 14.32 -16.40 -24.20
N ALA A 24 13.33 -16.62 -25.07
CA ALA A 24 13.58 -17.21 -26.38
C ALA A 24 14.52 -16.33 -27.19
N CYS A 25 14.23 -15.01 -27.18
CA CYS A 25 15.09 -14.04 -27.84
C CYS A 25 16.53 -14.12 -27.32
N MET A 26 16.70 -14.07 -25.98
CA MET A 26 18.01 -13.93 -25.39
C MET A 26 18.79 -15.23 -25.50
N LYS A 27 18.08 -16.34 -25.65
CA LYS A 27 18.72 -17.63 -25.90
C LYS A 27 19.38 -17.65 -27.27
N SER A 28 18.68 -17.07 -28.26
CA SER A 28 19.18 -16.99 -29.61
C SER A 28 20.43 -16.10 -29.66
N VAL A 29 20.36 -14.94 -29.00
CA VAL A 29 21.51 -14.06 -28.90
C VAL A 29 22.68 -14.86 -28.33
N THR A 30 22.45 -15.56 -27.23
CA THR A 30 23.50 -16.29 -26.56
C THR A 30 24.11 -17.31 -27.52
N GLU A 31 23.25 -17.95 -28.33
CA GLU A 31 23.66 -19.04 -29.20
C GLU A 31 24.45 -18.55 -30.42
N GLN A 32 24.44 -17.24 -30.68
CA GLN A 32 25.24 -16.68 -31.75
C GLN A 32 26.72 -16.65 -31.37
N GLY A 33 27.06 -17.07 -30.15
CA GLY A 33 28.42 -17.51 -29.85
C GLY A 33 29.29 -16.45 -29.19
N ALA A 34 28.97 -15.17 -29.36
CA ALA A 34 29.85 -14.10 -28.90
C ALA A 34 29.50 -13.74 -27.45
N GLU A 35 30.51 -13.29 -26.71
CA GLU A 35 30.39 -12.77 -25.35
C GLU A 35 29.30 -11.71 -25.27
N LEU A 36 28.42 -11.81 -24.26
CA LEU A 36 27.28 -10.92 -24.13
C LEU A 36 27.72 -9.63 -23.47
N SER A 37 27.10 -8.52 -23.91
CA SER A 37 27.24 -7.24 -23.24
C SER A 37 26.52 -7.30 -21.90
N ASN A 38 26.78 -6.32 -21.03
CA ASN A 38 26.12 -6.28 -19.73
C ASN A 38 24.62 -6.21 -19.93
N GLU A 39 24.16 -5.39 -20.86
CA GLU A 39 22.74 -5.23 -21.13
C GLU A 39 22.13 -6.58 -21.48
N GLU A 40 22.75 -7.30 -22.42
CA GLU A 40 22.25 -8.57 -22.92
C GLU A 40 22.25 -9.62 -21.81
N ARG A 41 23.30 -9.62 -20.99
CA ARG A 41 23.43 -10.58 -19.90
C ARG A 41 22.31 -10.36 -18.89
N ASN A 42 21.99 -9.09 -18.61
CA ASN A 42 20.95 -8.79 -17.65
C ASN A 42 19.61 -9.21 -18.23
N LEU A 43 19.41 -8.99 -19.53
CA LEU A 43 18.16 -9.36 -20.18
C LEU A 43 17.99 -10.87 -20.12
N LEU A 44 19.06 -11.61 -20.34
CA LEU A 44 19.01 -13.06 -20.27
C LEU A 44 18.62 -13.50 -18.87
N SER A 45 19.31 -12.95 -17.87
CA SER A 45 19.11 -13.31 -16.48
C SER A 45 17.67 -13.02 -16.03
N VAL A 46 17.14 -11.85 -16.43
CA VAL A 46 15.80 -11.46 -16.02
C VAL A 46 14.78 -12.38 -16.66
N ALA A 47 14.92 -12.62 -17.95
CA ALA A 47 13.98 -13.48 -18.67
C ALA A 47 13.85 -14.79 -17.91
N TYR A 48 15.00 -15.43 -17.63
CA TYR A 48 15.00 -16.78 -17.10
C TYR A 48 14.64 -16.78 -15.62
N LYS A 49 15.02 -15.74 -14.86
CA LYS A 49 14.63 -15.67 -13.46
C LYS A 49 13.10 -15.69 -13.37
N ASN A 50 12.43 -14.94 -14.27
CA ASN A 50 10.97 -14.85 -14.26
C ASN A 50 10.34 -16.16 -14.72
N VAL A 51 10.88 -16.73 -15.80
CA VAL A 51 10.36 -17.96 -16.34
C VAL A 51 10.43 -19.07 -15.30
N VAL A 52 11.61 -19.24 -14.66
CA VAL A 52 11.80 -20.29 -13.68
C VAL A 52 11.06 -19.93 -12.38
N GLY A 53 10.93 -18.63 -12.11
CA GLY A 53 10.30 -18.18 -10.86
C GLY A 53 8.81 -18.54 -10.79
N ALA A 54 8.15 -18.54 -11.95
CA ALA A 54 6.75 -18.88 -12.02
C ALA A 54 6.57 -20.34 -11.58
N ARG A 55 7.45 -21.23 -12.06
CA ARG A 55 7.39 -22.65 -11.73
C ARG A 55 7.75 -22.85 -10.27
N ARG A 56 8.81 -22.18 -9.78
CA ARG A 56 9.17 -22.32 -8.38
C ARG A 56 7.97 -21.99 -7.50
N SER A 57 7.29 -20.89 -7.83
CA SER A 57 6.18 -20.40 -7.02
C SER A 57 5.03 -21.41 -7.06
N SER A 58 4.70 -21.86 -8.27
CA SER A 58 3.64 -22.84 -8.47
C SER A 58 3.95 -24.11 -7.68
N TRP A 59 5.19 -24.58 -7.81
CA TRP A 59 5.62 -25.81 -7.18
C TRP A 59 5.45 -25.72 -5.66
N ARG A 60 5.82 -24.61 -5.05
CA ARG A 60 5.69 -24.48 -3.61
C ARG A 60 4.21 -24.59 -3.21
N VAL A 61 3.34 -23.94 -3.98
CA VAL A 61 1.91 -23.92 -3.67
C VAL A 61 1.33 -25.32 -3.77
N VAL A 62 1.59 -25.99 -4.90
CA VAL A 62 1.07 -27.34 -5.11
C VAL A 62 1.69 -28.29 -4.08
N SER A 63 3.00 -28.19 -3.85
CA SER A 63 3.68 -29.08 -2.90
C SER A 63 3.05 -28.95 -1.52
N SER A 64 2.77 -27.71 -1.11
CA SER A 64 2.17 -27.43 0.19
C SER A 64 0.78 -28.07 0.28
N ILE A 65 0.01 -27.97 -0.80
CA ILE A 65 -1.34 -28.53 -0.88
C ILE A 65 -1.27 -30.05 -0.78
N GLU A 66 -0.34 -30.64 -1.54
CA GLU A 66 -0.16 -32.08 -1.63
C GLU A 66 -0.02 -32.70 -0.24
N GLN A 67 0.89 -32.14 0.56
CA GLN A 67 1.27 -32.76 1.81
C GLN A 67 0.26 -32.42 2.89
N LYS A 68 -0.54 -31.36 2.72
CA LYS A 68 -1.49 -30.93 3.74
C LYS A 68 -2.76 -31.78 3.74
N THR A 69 -2.92 -32.68 2.77
CA THR A 69 -4.08 -33.57 2.73
C THR A 69 -3.62 -35.01 2.93
N GLY A 71 -5.94 -37.12 3.95
CA GLY A 71 -6.98 -36.70 3.00
C GLY A 71 -7.27 -37.78 1.95
N ALA A 72 -7.86 -37.37 0.82
CA ALA A 72 -8.24 -38.28 -0.26
C ALA A 72 -7.00 -38.73 -1.03
N GLU A 73 -6.67 -40.03 -0.93
CA GLU A 73 -5.44 -40.58 -1.50
C GLU A 73 -5.43 -40.41 -3.03
N LYS A 74 -6.58 -40.03 -3.60
CA LYS A 74 -6.69 -39.72 -5.02
C LYS A 74 -6.53 -38.22 -5.25
N LYS A 75 -6.98 -37.39 -4.30
CA LYS A 75 -6.72 -35.95 -4.36
C LYS A 75 -5.23 -35.68 -4.19
N GLN A 76 -4.58 -36.43 -3.29
CA GLN A 76 -3.13 -36.36 -3.13
C GLN A 76 -2.44 -36.83 -4.40
N GLN A 77 -3.01 -37.84 -5.07
CA GLN A 77 -2.41 -38.39 -6.27
C GLN A 77 -2.56 -37.40 -7.43
N MET A 78 -3.58 -36.54 -7.37
CA MET A 78 -3.78 -35.49 -8.35
C MET A 78 -2.74 -34.40 -8.14
N ALA A 79 -2.62 -33.93 -6.90
CA ALA A 79 -1.63 -32.92 -6.54
C ALA A 79 -0.21 -33.39 -6.85
N ARG A 80 0.07 -34.67 -6.56
CA ARG A 80 1.40 -35.23 -6.76
C ARG A 80 1.75 -35.23 -8.25
N GLU A 81 0.76 -35.53 -9.10
CA GLU A 81 1.01 -35.68 -10.53
C GLU A 81 1.17 -34.31 -11.15
N TYR A 82 0.44 -33.31 -10.61
CA TYR A 82 0.57 -31.93 -11.08
C TYR A 82 1.95 -31.40 -10.68
N ARG A 83 2.32 -31.58 -9.40
CA ARG A 83 3.65 -31.26 -8.93
C ARG A 83 4.72 -31.79 -9.89
N GLU A 84 4.57 -33.03 -10.34
CA GLU A 84 5.56 -33.66 -11.19
C GLU A 84 5.58 -32.99 -12.56
N LYS A 85 4.41 -32.55 -13.03
CA LYS A 85 4.30 -31.85 -14.31
C LYS A 85 5.07 -30.53 -14.20
N ILE A 86 4.92 -29.86 -13.06
CA ILE A 86 5.58 -28.60 -12.78
C ILE A 86 7.08 -28.84 -12.67
N GLU A 87 7.49 -29.87 -11.92
CA GLU A 87 8.91 -30.17 -11.74
C GLU A 87 9.58 -30.38 -13.09
N THR A 88 8.89 -31.08 -13.99
CA THR A 88 9.45 -31.39 -15.30
C THR A 88 9.68 -30.09 -16.05
N GLU A 89 8.73 -29.16 -15.97
CA GLU A 89 8.90 -27.87 -16.62
C GLU A 89 10.10 -27.15 -16.02
N LEU A 90 10.18 -27.16 -14.68
CA LEU A 90 11.21 -26.44 -13.96
C LEU A 90 12.58 -27.00 -14.32
N ARG A 91 12.70 -28.33 -14.40
CA ARG A 91 13.97 -28.96 -14.70
C ARG A 91 14.41 -28.59 -16.11
N ASP A 92 13.48 -28.63 -17.07
CA ASP A 92 13.76 -28.31 -18.46
C ASP A 92 14.30 -26.90 -18.57
N ILE A 93 13.70 -25.96 -17.83
CA ILE A 93 14.14 -24.58 -17.83
C ILE A 93 15.55 -24.51 -17.25
N CYS A 94 15.79 -25.10 -16.08
CA CYS A 94 17.12 -25.08 -15.47
C CYS A 94 18.15 -25.69 -16.42
N ASN A 95 17.82 -26.83 -17.06
CA ASN A 95 18.76 -27.52 -17.92
C ASN A 95 19.06 -26.67 -19.15
N ASP A 96 18.05 -25.91 -19.60
CA ASP A 96 18.20 -25.01 -20.73
C ASP A 96 19.23 -23.94 -20.39
N VAL A 97 19.14 -23.35 -19.19
CA VAL A 97 20.05 -22.29 -18.77
C VAL A 97 21.44 -22.87 -18.55
N LEU A 98 21.49 -24.05 -17.93
CA LEU A 98 22.75 -24.66 -17.53
C LEU A 98 23.53 -25.09 -18.76
N SER A 99 22.80 -25.55 -19.78
CA SER A 99 23.40 -25.86 -21.06
C SER A 99 24.04 -24.61 -21.64
N LEU A 100 23.28 -23.51 -21.64
CA LEU A 100 23.76 -22.22 -22.15
C LEU A 100 25.03 -21.79 -21.41
N LEU A 101 25.04 -21.98 -20.09
CA LEU A 101 26.19 -21.58 -19.30
C LEU A 101 27.43 -22.38 -19.75
N GLU A 102 27.27 -23.70 -19.89
CA GLU A 102 28.41 -24.58 -20.10
C GLU A 102 28.93 -24.46 -21.54
N LYS A 103 28.07 -24.13 -22.49
CA LYS A 103 28.45 -24.17 -23.91
C LYS A 103 28.90 -22.79 -24.40
N PHE A 104 28.43 -21.71 -23.78
CA PHE A 104 28.64 -20.38 -24.34
C PHE A 104 29.13 -19.37 -23.31
N LEU A 105 28.44 -19.26 -22.16
CA LEU A 105 28.58 -18.10 -21.31
C LEU A 105 29.86 -18.20 -20.48
N ILE A 106 30.06 -19.34 -19.82
CA ILE A 106 31.25 -19.54 -19.00
C ILE A 106 32.49 -19.67 -19.87
N PRO A 107 32.51 -20.50 -20.94
CA PRO A 107 33.69 -20.54 -21.81
C PRO A 107 34.15 -19.17 -22.32
N ASN A 108 33.18 -18.27 -22.65
CA ASN A 108 33.52 -16.99 -23.26
C ASN A 108 33.74 -15.89 -22.25
N ALA A 109 33.60 -16.20 -20.96
CA ALA A 109 33.81 -15.19 -19.94
C ALA A 109 35.31 -14.96 -19.80
N SER A 110 35.78 -13.86 -20.39
CA SER A 110 37.21 -13.59 -20.47
C SER A 110 37.68 -12.80 -19.24
N GLN A 111 36.75 -12.19 -18.51
CA GLN A 111 37.10 -11.36 -17.37
C GLN A 111 36.47 -11.93 -16.09
N ALA A 112 37.11 -11.64 -14.94
CA ALA A 112 36.75 -12.22 -13.66
C ALA A 112 35.30 -11.88 -13.29
N GLU A 113 34.89 -10.63 -13.54
CA GLU A 113 33.57 -10.19 -13.15
C GLU A 113 32.53 -11.05 -13.85
N SER A 114 32.69 -11.24 -15.16
CA SER A 114 31.75 -12.01 -15.95
CA SER A 114 31.76 -12.01 -15.97
CA SER A 114 31.75 -12.01 -15.96
C SER A 114 31.76 -13.46 -15.50
N LYS A 115 32.96 -13.98 -15.22
CA LYS A 115 33.14 -15.37 -14.81
C LYS A 115 32.36 -15.57 -13.50
N VAL A 116 32.54 -14.65 -12.55
CA VAL A 116 31.84 -14.74 -11.29
C VAL A 116 30.33 -14.74 -11.52
N PHE A 117 29.87 -13.88 -12.46
CA PHE A 117 28.45 -13.69 -12.67
C PHE A 117 27.82 -15.01 -13.13
N TYR A 118 28.44 -15.63 -14.14
CA TYR A 118 27.90 -16.83 -14.75
C TYR A 118 28.08 -18.04 -13.82
N LEU A 119 29.17 -18.08 -13.06
CA LEU A 119 29.37 -19.18 -12.13
C LEU A 119 28.33 -19.10 -11.03
N LYS A 120 28.02 -17.87 -10.59
CA LYS A 120 26.97 -17.67 -9.60
C LYS A 120 25.64 -18.14 -10.16
N MET A 121 25.39 -17.80 -11.43
CA MET A 121 24.15 -18.17 -12.10
C MET A 121 24.02 -19.69 -12.17
N LYS A 122 25.13 -20.36 -12.47
CA LYS A 122 25.20 -21.82 -12.46
C LYS A 122 24.82 -22.34 -11.07
N GLY A 123 25.39 -21.74 -10.02
CA GLY A 123 25.03 -22.09 -8.66
C GLY A 123 23.53 -22.00 -8.42
N ASP A 124 22.93 -20.91 -8.91
CA ASP A 124 21.54 -20.60 -8.69
C ASP A 124 20.66 -21.66 -9.35
N TYR A 125 20.92 -21.97 -10.61
CA TYR A 125 20.05 -22.88 -11.34
C TYR A 125 20.19 -24.31 -10.82
N TYR A 126 21.39 -24.69 -10.35
CA TYR A 126 21.53 -25.98 -9.69
C TYR A 126 20.80 -25.91 -8.35
N ARG A 127 20.80 -24.75 -7.71
CA ARG A 127 20.08 -24.60 -6.45
C ARG A 127 18.58 -24.78 -6.70
N TYR A 128 18.08 -24.29 -7.85
CA TYR A 128 16.65 -24.41 -8.13
C TYR A 128 16.31 -25.88 -8.33
N LEU A 129 17.22 -26.62 -8.99
CA LEU A 129 17.08 -28.06 -9.13
C LEU A 129 17.08 -28.74 -7.77
N ALA A 130 17.98 -28.33 -6.87
CA ALA A 130 18.10 -28.93 -5.54
C ALA A 130 16.83 -28.76 -4.72
N GLU A 131 16.11 -27.63 -4.93
CA GLU A 131 14.92 -27.30 -4.16
C GLU A 131 13.85 -28.36 -4.37
N VAL A 132 14.01 -29.11 -5.46
CA VAL A 132 12.96 -29.89 -6.07
C VAL A 132 13.40 -31.36 -6.24
N ALA A 133 14.66 -31.65 -5.92
CA ALA A 133 15.22 -32.99 -6.14
C ALA A 133 14.99 -33.87 -4.92
N ALA A 134 14.81 -35.17 -5.17
CA ALA A 134 14.64 -36.14 -4.10
C ALA A 134 15.67 -37.27 -4.23
N GLY A 135 16.27 -37.64 -3.09
CA GLY A 135 16.94 -38.91 -2.93
C GLY A 135 18.31 -38.98 -3.60
N ASP A 136 18.43 -39.93 -4.53
CA ASP A 136 19.72 -40.33 -5.10
C ASP A 136 20.31 -39.18 -5.92
N ASP A 137 19.44 -38.46 -6.65
CA ASP A 137 19.83 -37.35 -7.50
C ASP A 137 20.41 -36.20 -6.69
N LYS A 138 19.87 -35.96 -5.48
CA LYS A 138 19.99 -34.70 -4.77
C LYS A 138 21.45 -34.40 -4.38
N LYS A 139 22.12 -35.34 -3.67
CA LYS A 139 23.48 -35.10 -3.19
C LYS A 139 24.34 -34.57 -4.34
N GLY A 140 24.11 -35.08 -5.55
CA GLY A 140 24.91 -34.72 -6.71
C GLY A 140 24.59 -33.34 -7.25
N ILE A 141 23.31 -32.96 -7.21
CA ILE A 141 22.87 -31.64 -7.65
C ILE A 141 23.34 -30.56 -6.66
N VAL A 142 23.16 -30.83 -5.37
CA VAL A 142 23.64 -29.95 -4.32
C VAL A 142 25.14 -29.69 -4.50
N ASP A 143 25.91 -30.73 -4.83
CA ASP A 143 27.36 -30.60 -4.96
C ASP A 143 27.67 -29.67 -6.13
N GLN A 144 27.00 -29.88 -7.27
CA GLN A 144 27.20 -29.07 -8.45
C GLN A 144 26.98 -27.59 -8.13
N SER A 145 25.92 -27.31 -7.36
CA SER A 145 25.62 -25.96 -6.92
C SER A 145 26.77 -25.40 -6.09
N GLN A 146 27.13 -26.12 -5.02
CA GLN A 146 28.17 -25.70 -4.11
C GLN A 146 29.47 -25.44 -4.86
N GLN A 147 29.79 -26.30 -5.83
CA GLN A 147 31.06 -26.26 -6.54
C GLN A 147 31.11 -24.99 -7.40
N ALA A 148 29.97 -24.64 -8.02
CA ALA A 148 29.89 -23.45 -8.87
C ALA A 148 29.98 -22.17 -8.04
N TYR A 149 29.24 -22.12 -6.94
CA TYR A 149 29.29 -20.98 -6.03
C TYR A 149 30.72 -20.82 -5.54
N GLN A 150 31.35 -21.94 -5.17
CA GLN A 150 32.66 -21.92 -4.51
C GLN A 150 33.72 -21.39 -5.46
N GLU A 151 33.67 -21.79 -6.74
CA GLU A 151 34.65 -21.29 -7.70
C GLU A 151 34.44 -19.79 -7.88
N ALA A 152 33.17 -19.36 -7.96
CA ALA A 152 32.82 -17.96 -8.10
C ALA A 152 33.34 -17.15 -6.92
N PHE A 153 33.14 -17.70 -5.72
CA PHE A 153 33.50 -17.04 -4.47
C PHE A 153 35.00 -16.79 -4.45
N GLU A 154 35.77 -17.82 -4.83
CA GLU A 154 37.21 -17.77 -4.75
C GLU A 154 37.71 -16.67 -5.69
N ILE A 155 37.24 -16.70 -6.95
CA ILE A 155 37.64 -15.70 -7.92
C ILE A 155 37.26 -14.31 -7.43
N SER A 156 36.04 -14.16 -6.90
CA SER A 156 35.51 -12.87 -6.50
CA SER A 156 35.53 -12.87 -6.50
C SER A 156 36.40 -12.30 -5.39
N LYS A 157 36.90 -13.18 -4.51
CA LYS A 157 37.68 -12.74 -3.36
C LYS A 157 39.07 -12.30 -3.81
N LYS A 158 39.56 -12.88 -4.91
CA LYS A 158 40.90 -12.58 -5.39
C LYS A 158 40.87 -11.38 -6.33
N GLU A 159 39.80 -11.23 -7.14
CA GLU A 159 39.85 -10.38 -8.31
C GLU A 159 38.89 -9.18 -8.21
N MET A 160 38.03 -9.14 -7.20
CA MET A 160 37.00 -8.13 -7.15
C MET A 160 37.00 -7.44 -5.80
N GLN A 161 36.70 -6.14 -5.80
N GLN A 161 36.67 -6.15 -5.81
CA GLN A 161 36.66 -5.37 -4.58
CA GLN A 161 36.61 -5.35 -4.60
C GLN A 161 35.47 -5.85 -3.74
C GLN A 161 35.46 -5.86 -3.74
N PRO A 162 35.56 -5.73 -2.39
CA PRO A 162 34.50 -6.24 -1.51
C PRO A 162 33.15 -5.55 -1.60
N THR A 163 33.09 -4.44 -2.33
CA THR A 163 31.86 -3.66 -2.48
C THR A 163 31.24 -3.92 -3.84
N HIS A 164 31.89 -4.73 -4.68
CA HIS A 164 31.36 -4.96 -6.01
C HIS A 164 30.00 -5.66 -5.89
N PRO A 165 28.95 -5.10 -6.50
CA PRO A 165 27.61 -5.69 -6.43
C PRO A 165 27.53 -7.18 -6.75
N ILE A 166 28.30 -7.63 -7.73
CA ILE A 166 28.23 -9.01 -8.16
C ILE A 166 28.87 -9.91 -7.10
N ARG A 167 29.93 -9.43 -6.46
CA ARG A 167 30.53 -10.14 -5.34
C ARG A 167 29.56 -10.21 -4.17
N LEU A 168 28.89 -9.10 -3.83
CA LEU A 168 27.98 -9.07 -2.69
C LEU A 168 26.76 -9.92 -2.99
N GLY A 169 26.29 -9.86 -4.24
CA GLY A 169 25.18 -10.70 -4.67
C GLY A 169 25.50 -12.18 -4.54
N LEU A 170 26.73 -12.57 -4.92
CA LEU A 170 27.17 -13.96 -4.79
C LEU A 170 27.15 -14.37 -3.32
N ALA A 171 27.69 -13.52 -2.44
CA ALA A 171 27.67 -13.81 -1.01
C ALA A 171 26.24 -14.04 -0.54
N LEU A 172 25.32 -13.16 -0.95
CA LEU A 172 23.93 -13.26 -0.55
C LEU A 172 23.38 -14.63 -0.97
N ASN A 173 23.53 -14.97 -2.23
CA ASN A 173 22.94 -16.19 -2.76
C ASN A 173 23.63 -17.41 -2.15
N PHE A 174 24.96 -17.35 -2.01
CA PHE A 174 25.70 -18.49 -1.50
C PHE A 174 25.32 -18.70 -0.03
N SER A 175 25.15 -17.62 0.72
CA SER A 175 24.67 -17.71 2.09
CA SER A 175 24.67 -17.71 2.09
C SER A 175 23.30 -18.41 2.10
N VAL A 176 22.44 -18.05 1.15
CA VAL A 176 21.10 -18.62 1.07
C VAL A 176 21.20 -20.12 0.77
N PHE A 177 22.12 -20.50 -0.13
CA PHE A 177 22.37 -21.91 -0.40
C PHE A 177 22.65 -22.65 0.90
N TYR A 178 23.57 -22.12 1.72
CA TYR A 178 23.93 -22.79 2.96
C TYR A 178 22.70 -22.98 3.83
N TYR A 179 21.85 -21.95 3.92
CA TYR A 179 20.77 -21.91 4.90
C TYR A 179 19.61 -22.82 4.50
N GLU A 180 19.28 -22.87 3.19
CA GLU A 180 18.06 -23.52 2.73
C GLU A 180 18.32 -24.91 2.20
N ILE A 181 19.49 -25.14 1.60
CA ILE A 181 19.76 -26.39 0.88
C ILE A 181 20.59 -27.32 1.78
N LEU A 182 21.66 -26.81 2.39
CA LEU A 182 22.53 -27.58 3.26
C LEU A 182 22.10 -27.49 4.72
N ASN A 183 21.08 -26.69 5.04
CA ASN A 183 20.55 -26.58 6.39
CA ASN A 183 20.56 -26.57 6.39
C ASN A 183 21.71 -26.33 7.37
N SER A 184 22.62 -25.42 7.01
CA SER A 184 23.71 -24.98 7.89
C SER A 184 23.54 -23.49 8.18
N PRO A 185 22.67 -23.05 9.10
CA PRO A 185 22.52 -21.61 9.40
C PRO A 185 23.77 -20.89 9.89
N GLU A 186 24.62 -21.62 10.61
N GLU A 186 24.64 -21.62 10.61
CA GLU A 186 25.84 -21.09 11.20
CA GLU A 186 25.84 -21.06 11.20
C GLU A 186 26.80 -20.63 10.07
C GLU A 186 26.80 -20.63 10.07
N LYS A 187 26.97 -21.48 9.06
CA LYS A 187 27.83 -21.19 7.93
C LYS A 187 27.23 -20.05 7.11
N ALA A 188 25.90 -20.05 7.00
CA ALA A 188 25.19 -19.05 6.25
C ALA A 188 25.41 -17.68 6.90
N CYS A 189 25.23 -17.59 8.22
CA CYS A 189 25.43 -16.34 8.94
C CYS A 189 26.87 -15.84 8.78
N SER A 190 27.85 -16.74 8.91
CA SER A 190 29.27 -16.38 8.91
CA SER A 190 29.25 -16.36 8.91
C SER A 190 29.66 -15.79 7.55
N LEU A 191 29.15 -16.39 6.47
CA LEU A 191 29.48 -15.94 5.13
C LEU A 191 28.89 -14.56 4.90
N ALA A 192 27.59 -14.41 5.21
CA ALA A 192 26.88 -13.17 5.01
C ALA A 192 27.52 -12.05 5.83
N LYS A 193 27.83 -12.35 7.09
CA LYS A 193 28.42 -11.38 8.01
C LYS A 193 29.78 -10.93 7.49
N THR A 194 30.61 -11.89 7.08
CA THR A 194 31.95 -11.57 6.60
C THR A 194 31.86 -10.67 5.35
N ALA A 195 31.01 -11.04 4.40
CA ALA A 195 30.88 -10.28 3.16
C ALA A 195 30.44 -8.84 3.47
N PHE A 196 29.46 -8.70 4.36
CA PHE A 196 29.03 -7.40 4.83
C PHE A 196 30.20 -6.66 5.46
N ASP A 197 30.84 -7.28 6.47
CA ASP A 197 31.90 -6.64 7.25
C ASP A 197 33.03 -6.15 6.34
N GLU A 198 33.42 -7.00 5.37
CA GLU A 198 34.47 -6.66 4.42
C GLU A 198 34.08 -5.44 3.59
N ALA A 199 32.77 -5.28 3.34
CA ALA A 199 32.27 -4.19 2.52
C ALA A 199 32.32 -2.86 3.27
N ILE A 200 31.82 -2.82 4.52
CA ILE A 200 31.85 -1.58 5.30
C ILE A 200 33.30 -1.19 5.55
N ALA A 201 34.19 -2.18 5.67
CA ALA A 201 35.59 -1.90 5.96
C ALA A 201 36.28 -1.24 4.75
N GLU A 202 35.75 -1.44 3.54
CA GLU A 202 36.38 -0.90 2.33
C GLU A 202 35.37 -0.03 1.59
N LEU A 203 34.70 0.83 2.36
CA LEU A 203 33.64 1.68 1.83
C LEU A 203 34.21 2.68 0.83
N ASP A 204 35.49 2.98 0.97
CA ASP A 204 36.18 3.89 0.07
C ASP A 204 36.32 3.28 -1.33
N THR A 205 35.84 2.06 -1.55
CA THR A 205 35.97 1.40 -2.83
C THR A 205 34.72 1.58 -3.69
N LEU A 206 33.65 2.15 -3.14
CA LEU A 206 32.42 2.37 -3.89
C LEU A 206 32.71 3.22 -5.12
N SER A 207 32.02 2.92 -6.23
CA SER A 207 32.22 3.60 -7.49
C SER A 207 30.92 4.30 -7.92
N GLU A 208 31.06 5.25 -8.86
CA GLU A 208 29.92 6.00 -9.35
C GLU A 208 28.92 5.05 -9.99
N GLU A 209 29.42 4.02 -10.69
CA GLU A 209 28.56 3.14 -11.46
C GLU A 209 27.70 2.26 -10.54
N SER A 210 28.16 2.03 -9.30
CA SER A 210 27.74 0.87 -8.52
C SER A 210 27.28 1.22 -7.10
N TYR A 211 27.52 2.44 -6.59
CA TYR A 211 27.35 2.67 -5.16
C TYR A 211 25.92 2.33 -4.73
N LYS A 212 24.95 2.56 -5.62
CA LYS A 212 23.56 2.31 -5.28
C LYS A 212 23.31 0.81 -5.13
N ASP A 213 23.78 0.03 -6.12
CA ASP A 213 23.61 -1.41 -6.08
C ASP A 213 24.39 -2.01 -4.90
N SER A 214 25.59 -1.49 -4.63
CA SER A 214 26.39 -1.99 -3.53
C SER A 214 25.65 -1.87 -2.21
N THR A 215 25.13 -0.67 -1.91
CA THR A 215 24.56 -0.41 -0.60
C THR A 215 23.24 -1.14 -0.46
N LEU A 216 22.53 -1.30 -1.57
CA LEU A 216 21.29 -2.06 -1.58
C LEU A 216 21.55 -3.51 -1.16
N ILE A 217 22.54 -4.16 -1.81
CA ILE A 217 22.79 -5.57 -1.55
C ILE A 217 23.39 -5.73 -0.15
N MET A 218 24.17 -4.75 0.30
CA MET A 218 24.70 -4.75 1.66
C MET A 218 23.53 -4.82 2.66
N GLN A 219 22.46 -4.09 2.38
CA GLN A 219 21.28 -4.06 3.23
C GLN A 219 20.52 -5.39 3.14
N LEU A 220 20.49 -6.01 1.95
CA LEU A 220 19.84 -7.32 1.83
C LEU A 220 20.56 -8.35 2.69
N LEU A 221 21.91 -8.29 2.72
CA LEU A 221 22.69 -9.17 3.58
C LEU A 221 22.27 -8.99 5.03
N ARG A 222 22.17 -7.73 5.49
CA ARG A 222 21.79 -7.44 6.86
C ARG A 222 20.37 -7.96 7.12
N ASP A 223 19.45 -7.74 6.18
CA ASP A 223 18.07 -8.20 6.34
C ASP A 223 18.07 -9.70 6.64
N ASN A 224 18.82 -10.47 5.85
CA ASN A 224 18.89 -11.90 6.01
C ASN A 224 19.53 -12.26 7.36
N LEU A 225 20.59 -11.57 7.75
CA LEU A 225 21.25 -11.82 9.03
C LEU A 225 20.28 -11.56 10.18
N THR A 226 19.54 -10.44 10.10
CA THR A 226 18.57 -10.07 11.11
C THR A 226 17.52 -11.17 11.23
N LEU A 227 16.94 -11.59 10.09
CA LEU A 227 15.94 -12.63 10.07
C LEU A 227 16.49 -13.92 10.69
N TRP A 228 17.75 -14.23 10.41
CA TRP A 228 18.33 -15.52 10.75
C TRP A 228 18.81 -15.57 12.21
N THR A 229 19.16 -14.41 12.78
CA THR A 229 19.66 -14.38 14.15
C THR A 229 18.53 -14.01 15.11
N SER A 230 17.28 -13.97 14.61
CA SER A 230 16.10 -13.92 15.47
C SER A 230 15.50 -15.33 15.57
N ARG B 2 -6.86 0.37 -17.45
CA ARG B 2 -7.71 -0.85 -17.33
C ARG B 2 -9.14 -0.50 -17.75
N THR B 3 -9.81 -1.44 -18.42
CA THR B 3 -11.25 -1.32 -18.71
C THR B 3 -12.01 -1.59 -17.42
N PRO B 4 -12.98 -0.73 -17.00
CA PRO B 4 -13.65 -0.91 -15.72
C PRO B 4 -14.82 -1.89 -15.81
N LEU B 6 -16.68 -5.76 -15.43
CA LEU B 6 -16.87 -6.51 -14.20
C LEU B 6 -15.56 -7.24 -13.86
N PRO B 7 -15.02 -7.08 -12.63
CA PRO B 7 -13.87 -7.88 -12.19
C PRO B 7 -14.24 -9.35 -12.07
N THR B 8 -13.23 -10.24 -12.04
CA THR B 8 -13.44 -11.68 -12.00
C THR B 8 -12.91 -12.24 -10.69
N PRO B 9 -13.66 -12.17 -9.56
CA PRO B 9 -13.14 -12.52 -8.23
C PRO B 9 -12.16 -13.69 -8.18
N SER B 27 7.83 -17.86 2.87
CA SER B 27 7.31 -17.13 1.68
C SER B 27 8.36 -17.13 0.55
N LYS B 28 9.21 -16.10 0.48
CA LYS B 28 10.32 -16.05 -0.47
C LYS B 28 11.61 -16.45 0.26
N CYS B 29 12.69 -16.65 -0.52
CA CYS B 29 13.96 -17.16 0.01
C CYS B 29 14.76 -16.05 0.72
N GLY B 30 14.81 -14.88 0.12
CA GLY B 30 15.75 -13.85 0.54
C GLY B 30 17.00 -13.87 -0.35
N LEU B 32 18.96 -12.77 -4.18
CA LEU B 32 19.14 -11.49 -4.84
C LEU B 32 17.88 -11.15 -5.63
N GLY B 33 17.19 -10.04 -5.29
CA GLY B 33 16.10 -9.56 -6.12
C GLY B 33 16.63 -9.27 -7.54
N ASN B 34 15.94 -9.73 -8.58
CA ASN B 34 16.38 -9.41 -9.93
C ASN B 34 15.61 -8.17 -10.40
N ILE B 35 16.26 -7.00 -10.29
CA ILE B 35 15.70 -5.72 -10.72
C ILE B 35 15.29 -5.81 -12.19
N HIS B 36 14.23 -5.06 -12.57
CA HIS B 36 13.62 -5.12 -13.90
C HIS B 36 13.91 -3.85 -14.70
N HIS B 37 14.75 -3.97 -15.74
CA HIS B 37 14.97 -2.91 -16.73
C HIS B 37 15.12 -3.50 -18.14
N MET C 1 -9.04 -37.18 -16.67
CA MET C 1 -9.90 -38.38 -16.90
C MET C 1 -11.36 -38.00 -16.62
N ASP C 2 -11.86 -38.24 -15.39
CA ASP C 2 -13.27 -38.05 -15.08
C ASP C 2 -13.51 -36.59 -14.70
N LYS C 3 -14.77 -36.15 -14.85
CA LYS C 3 -15.16 -34.77 -14.61
C LYS C 3 -14.58 -34.29 -13.28
N ASN C 4 -14.61 -35.16 -12.26
CA ASN C 4 -14.14 -34.83 -10.93
C ASN C 4 -12.64 -34.55 -10.92
N GLU C 5 -11.87 -35.38 -11.65
CA GLU C 5 -10.42 -35.23 -11.70
C GLU C 5 -10.09 -33.89 -12.35
N LEU C 6 -10.74 -33.59 -13.49
CA LEU C 6 -10.49 -32.35 -14.22
C LEU C 6 -10.77 -31.13 -13.34
N VAL C 7 -11.87 -31.15 -12.59
CA VAL C 7 -12.25 -30.00 -11.79
C VAL C 7 -11.26 -29.85 -10.64
N GLN C 8 -10.78 -30.96 -10.08
CA GLN C 8 -9.78 -30.91 -9.02
C GLN C 8 -8.51 -30.29 -9.59
N LYS C 9 -8.13 -30.68 -10.82
CA LYS C 9 -6.91 -30.20 -11.47
C LYS C 9 -7.04 -28.72 -11.79
N ALA C 10 -8.21 -28.29 -12.28
CA ALA C 10 -8.47 -26.89 -12.56
C ALA C 10 -8.30 -26.04 -11.30
N LYS C 11 -8.72 -26.59 -10.17
CA LYS C 11 -8.64 -25.86 -8.90
C LYS C 11 -7.20 -25.77 -8.42
N LEU C 12 -6.40 -26.82 -8.66
CA LEU C 12 -4.98 -26.77 -8.37
C LEU C 12 -4.30 -25.71 -9.24
N ALA C 13 -4.57 -25.76 -10.55
CA ALA C 13 -4.01 -24.81 -11.49
C ALA C 13 -4.31 -23.38 -11.04
N GLU C 14 -5.53 -23.15 -10.53
CA GLU C 14 -5.93 -21.81 -10.10
C GLU C 14 -5.05 -21.37 -8.93
N GLN C 15 -4.84 -22.29 -7.98
CA GLN C 15 -4.01 -22.05 -6.81
C GLN C 15 -2.59 -21.70 -7.26
N ALA C 16 -2.14 -22.37 -8.33
CA ALA C 16 -0.78 -22.22 -8.84
C ALA C 16 -0.64 -21.06 -9.83
N GLU C 17 -1.73 -20.32 -10.06
N GLU C 17 -1.72 -20.31 -10.07
CA GLU C 17 -1.72 -19.21 -11.02
CA GLU C 17 -1.72 -19.21 -11.02
C GLU C 17 -1.25 -19.71 -12.39
C GLU C 17 -1.25 -19.71 -12.38
N ARG C 18 -1.69 -20.90 -12.77
CA ARG C 18 -1.39 -21.49 -14.07
C ARG C 18 -2.68 -21.60 -14.89
N TYR C 19 -3.14 -20.46 -15.40
CA TYR C 19 -4.47 -20.30 -15.95
C TYR C 19 -4.64 -21.02 -17.28
N ASP C 20 -3.55 -21.24 -18.03
CA ASP C 20 -3.64 -21.94 -19.30
C ASP C 20 -4.07 -23.38 -19.03
N ASP C 21 -3.44 -24.02 -18.04
CA ASP C 21 -3.85 -25.33 -17.56
C ASP C 21 -5.30 -25.30 -17.09
N MET C 22 -5.64 -24.26 -16.31
CA MET C 22 -6.96 -24.15 -15.72
C MET C 22 -8.00 -24.11 -16.83
N ALA C 23 -7.75 -23.29 -17.85
CA ALA C 23 -8.64 -23.19 -19.00
C ALA C 23 -8.77 -24.53 -19.69
N ALA C 24 -7.64 -25.21 -19.89
CA ALA C 24 -7.62 -26.46 -20.63
C ALA C 24 -8.48 -27.52 -19.94
N CYS C 25 -8.34 -27.62 -18.62
CA CYS C 25 -9.16 -28.53 -17.83
C CYS C 25 -10.64 -28.24 -18.00
N MET C 26 -11.03 -26.96 -17.86
CA MET C 26 -12.44 -26.60 -17.89
C MET C 26 -13.00 -26.70 -19.30
N LYS C 27 -12.14 -26.63 -20.32
CA LYS C 27 -12.55 -26.82 -21.70
C LYS C 27 -12.95 -28.28 -21.93
N SER C 28 -12.18 -29.20 -21.34
CA SER C 28 -12.46 -30.62 -21.43
C SER C 28 -13.78 -30.94 -20.73
N VAL C 29 -13.97 -30.39 -19.53
CA VAL C 29 -15.23 -30.55 -18.81
C VAL C 29 -16.37 -30.12 -19.74
N THR C 30 -16.22 -28.93 -20.33
CA THR C 30 -17.28 -28.35 -21.12
C THR C 30 -17.58 -29.25 -22.31
N GLU C 31 -16.52 -29.85 -22.88
CA GLU C 31 -16.61 -30.64 -24.10
C GLU C 31 -17.24 -32.01 -23.84
N GLN C 32 -17.33 -32.43 -22.56
CA GLN C 32 -17.98 -33.68 -22.23
C GLN C 32 -19.50 -33.58 -22.49
N GLY C 33 -20.01 -32.35 -22.66
CA GLY C 33 -21.34 -32.16 -23.22
C GLY C 33 -22.39 -31.78 -22.21
N ALA C 34 -22.21 -32.15 -20.93
CA ALA C 34 -23.21 -31.89 -19.89
C ALA C 34 -23.18 -30.42 -19.45
N GLU C 35 -24.36 -29.91 -19.03
CA GLU C 35 -24.51 -28.57 -18.50
C GLU C 35 -23.54 -28.38 -17.33
N LEU C 36 -22.91 -27.21 -17.26
CA LEU C 36 -21.97 -26.93 -16.19
C LEU C 36 -22.73 -26.48 -14.95
N SER C 37 -22.22 -26.90 -13.78
CA SER C 37 -22.70 -26.43 -12.50
C SER C 37 -22.21 -24.99 -12.31
N ASN C 38 -22.74 -24.31 -11.29
CA ASN C 38 -22.32 -22.94 -11.01
C ASN C 38 -20.82 -22.92 -10.73
N GLU C 39 -20.34 -23.89 -9.94
CA GLU C 39 -18.93 -23.96 -9.58
C GLU C 39 -18.10 -24.03 -10.85
N GLU C 40 -18.47 -24.95 -11.75
CA GLU C 40 -17.72 -25.20 -12.98
C GLU C 40 -17.76 -23.98 -13.90
N ARG C 41 -18.90 -23.30 -13.97
CA ARG C 41 -19.05 -22.12 -14.80
C ARG C 41 -18.13 -21.01 -14.29
N ASN C 42 -18.01 -20.87 -12.97
N ASN C 42 -18.01 -20.86 -12.96
CA ASN C 42 -17.16 -19.84 -12.41
CA ASN C 42 -17.16 -19.84 -12.39
C ASN C 42 -15.71 -20.20 -12.75
C ASN C 42 -15.71 -20.20 -12.75
N LEU C 43 -15.35 -21.48 -12.60
CA LEU C 43 -14.02 -21.93 -12.90
C LEU C 43 -13.67 -21.66 -14.37
N LEU C 44 -14.61 -21.94 -15.27
CA LEU C 44 -14.38 -21.72 -16.69
C LEU C 44 -14.16 -20.24 -16.95
N SER C 45 -15.04 -19.39 -16.40
CA SER C 45 -14.98 -17.95 -16.65
C SER C 45 -13.68 -17.38 -16.12
N VAL C 46 -13.26 -17.81 -14.94
CA VAL C 46 -12.08 -17.26 -14.30
C VAL C 46 -10.86 -17.66 -15.13
N ALA C 47 -10.77 -18.95 -15.48
CA ALA C 47 -9.64 -19.41 -16.25
C ALA C 47 -9.46 -18.53 -17.48
N TYR C 48 -10.54 -18.34 -18.25
CA TYR C 48 -10.43 -17.71 -19.56
C TYR C 48 -10.30 -16.20 -19.38
N LYS C 49 -10.93 -15.59 -18.37
CA LYS C 49 -10.75 -14.16 -18.15
C LYS C 49 -9.26 -13.88 -17.91
N ASN C 50 -8.58 -14.76 -17.16
CA ASN C 50 -7.17 -14.57 -16.87
C ASN C 50 -6.31 -14.81 -18.10
N VAL C 51 -6.61 -15.89 -18.83
CA VAL C 51 -5.84 -16.25 -20.01
C VAL C 51 -5.90 -15.11 -21.04
N VAL C 52 -7.14 -14.64 -21.32
CA VAL C 52 -7.33 -13.59 -22.30
C VAL C 52 -6.84 -12.26 -21.75
N GLY C 53 -6.94 -12.06 -20.43
CA GLY C 53 -6.58 -10.79 -19.82
C GLY C 53 -5.07 -10.51 -19.90
N ALA C 54 -4.26 -11.57 -19.86
CA ALA C 54 -2.82 -11.41 -19.99
C ALA C 54 -2.49 -10.87 -21.38
N ARG C 55 -3.16 -11.41 -22.41
CA ARG C 55 -2.96 -10.94 -23.79
C ARG C 55 -3.50 -9.52 -23.96
N ARG C 56 -4.68 -9.23 -23.42
CA ARG C 56 -5.21 -7.87 -23.50
C ARG C 56 -4.21 -6.89 -22.92
N SER C 57 -3.63 -7.23 -21.77
CA SER C 57 -2.70 -6.36 -21.08
C SER C 57 -1.44 -6.15 -21.93
N SER C 58 -0.89 -7.26 -22.44
CA SER C 58 0.27 -7.23 -23.29
C SER C 58 0.02 -6.35 -24.50
N TRP C 59 -1.13 -6.57 -25.13
CA TRP C 59 -1.50 -5.87 -26.34
C TRP C 59 -1.53 -4.36 -26.12
N ARG C 60 -2.13 -3.92 -25.01
CA ARG C 60 -2.19 -2.51 -24.72
C ARG C 60 -0.78 -1.93 -24.56
N VAL C 61 0.11 -2.69 -23.91
CA VAL C 61 1.46 -2.21 -23.62
C VAL C 61 2.23 -2.07 -24.92
N VAL C 62 2.21 -3.12 -25.74
CA VAL C 62 2.92 -3.08 -27.02
C VAL C 62 2.30 -2.01 -27.92
N SER C 63 0.96 -1.96 -28.00
CA SER C 63 0.28 -0.97 -28.85
C SER C 63 0.68 0.44 -28.45
N SER C 64 0.75 0.69 -27.15
CA SER C 64 1.09 2.01 -26.63
C SER C 64 2.54 2.38 -26.99
N ILE C 65 3.44 1.39 -26.95
CA ILE C 65 4.83 1.58 -27.34
C ILE C 65 4.91 1.87 -28.84
N GLU C 66 4.17 1.09 -29.64
CA GLU C 66 4.14 1.23 -31.09
C GLU C 66 3.80 2.66 -31.49
N GLN C 67 2.74 3.22 -30.91
CA GLN C 67 2.27 4.56 -31.27
C GLN C 67 3.22 5.64 -30.78
N LYS C 68 3.92 5.42 -29.66
CA LYS C 68 4.73 6.44 -29.02
C LYS C 68 6.12 6.58 -29.64
N THR C 69 6.39 5.90 -30.76
CA THR C 69 7.66 6.06 -31.46
C THR C 69 7.38 6.56 -32.88
N ALA C 72 10.23 7.38 -35.27
CA ALA C 72 11.25 6.44 -35.78
C ALA C 72 10.67 5.61 -36.93
N GLU C 73 11.32 4.49 -37.22
CA GLU C 73 10.74 3.38 -37.98
C GLU C 73 11.63 2.17 -37.71
N LYS C 74 11.28 1.01 -38.28
CA LYS C 74 11.96 -0.24 -37.95
C LYS C 74 11.62 -0.66 -36.51
N LYS C 75 11.74 0.28 -35.54
CA LYS C 75 11.31 0.04 -34.17
C LYS C 75 9.80 -0.19 -34.15
N GLN C 76 9.07 0.70 -34.84
CA GLN C 76 7.63 0.58 -34.99
C GLN C 76 7.28 -0.68 -35.77
N GLN C 77 8.14 -1.10 -36.71
CA GLN C 77 7.91 -2.30 -37.50
C GLN C 77 8.04 -3.55 -36.60
N MET C 78 8.88 -3.44 -35.58
CA MET C 78 9.09 -4.55 -34.66
C MET C 78 7.92 -4.63 -33.69
N ALA C 79 7.56 -3.49 -33.11
CA ALA C 79 6.41 -3.38 -32.22
C ALA C 79 5.14 -3.85 -32.91
N ARG C 80 4.96 -3.48 -34.19
CA ARG C 80 3.75 -3.81 -34.92
C ARG C 80 3.66 -5.32 -35.15
N GLU C 81 4.81 -5.96 -35.40
CA GLU C 81 4.81 -7.38 -35.72
C GLU C 81 4.56 -8.19 -34.44
N TYR C 82 5.04 -7.67 -33.31
CA TYR C 82 4.82 -8.30 -32.02
C TYR C 82 3.35 -8.15 -31.65
N ARG C 83 2.82 -6.93 -31.77
CA ARG C 83 1.40 -6.67 -31.55
C ARG C 83 0.54 -7.70 -32.29
N GLU C 84 0.90 -7.97 -33.55
CA GLU C 84 0.14 -8.87 -34.39
C GLU C 84 0.26 -10.31 -33.85
N LYS C 85 1.43 -10.66 -33.32
CA LYS C 85 1.64 -11.98 -32.75
C LYS C 85 0.71 -12.17 -31.55
N ILE C 86 0.61 -11.10 -30.75
CA ILE C 86 -0.23 -11.10 -29.57
C ILE C 86 -1.70 -11.14 -29.99
N GLU C 87 -2.09 -10.33 -30.99
CA GLU C 87 -3.45 -10.30 -31.49
C GLU C 87 -3.89 -11.71 -31.92
N THR C 88 -2.98 -12.44 -32.59
CA THR C 88 -3.31 -13.76 -33.10
CA THR C 88 -3.31 -13.76 -33.10
C THR C 88 -3.59 -14.69 -31.92
N GLU C 89 -2.78 -14.58 -30.87
CA GLU C 89 -3.00 -15.38 -29.66
C GLU C 89 -4.37 -15.04 -29.06
N LEU C 90 -4.64 -13.73 -28.96
CA LEU C 90 -5.85 -13.24 -28.32
C LEU C 90 -7.08 -13.72 -29.10
N ARG C 91 -7.00 -13.69 -30.43
CA ARG C 91 -8.14 -14.10 -31.25
C ARG C 91 -8.43 -15.59 -31.07
N ASP C 92 -7.37 -16.41 -31.05
CA ASP C 92 -7.52 -17.85 -30.88
C ASP C 92 -8.22 -18.15 -29.57
N ILE C 93 -7.83 -17.42 -28.52
CA ILE C 93 -8.43 -17.61 -27.21
C ILE C 93 -9.91 -17.25 -27.28
N CYS C 94 -10.23 -16.06 -27.81
CA CYS C 94 -11.62 -15.63 -27.90
C CYS C 94 -12.46 -16.63 -28.71
N ASN C 95 -11.90 -17.10 -29.83
CA ASN C 95 -12.62 -18.00 -30.71
C ASN C 95 -12.84 -19.34 -30.03
N ASP C 96 -11.88 -19.74 -29.18
CA ASP C 96 -12.00 -20.97 -28.42
C ASP C 96 -13.18 -20.87 -27.47
N VAL C 97 -13.34 -19.72 -26.79
CA VAL C 97 -14.40 -19.54 -25.83
C VAL C 97 -15.73 -19.46 -26.58
N LEU C 98 -15.74 -18.74 -27.71
CA LEU C 98 -16.97 -18.46 -28.43
C LEU C 98 -17.49 -19.75 -29.07
N SER C 99 -16.56 -20.59 -29.53
CA SER C 99 -16.92 -21.90 -30.01
C SER C 99 -17.59 -22.69 -28.90
N LEU C 100 -16.98 -22.68 -27.70
CA LEU C 100 -17.54 -23.36 -26.54
C LEU C 100 -18.95 -22.85 -26.22
N LEU C 101 -19.13 -21.53 -26.27
CA LEU C 101 -20.44 -20.95 -25.97
C LEU C 101 -21.49 -21.49 -26.95
N GLU C 102 -21.18 -21.46 -28.26
CA GLU C 102 -22.16 -21.77 -29.29
C GLU C 102 -22.48 -23.26 -29.32
N LYS C 103 -21.50 -24.12 -29.00
CA LYS C 103 -21.62 -25.55 -29.19
C LYS C 103 -22.12 -26.26 -27.93
N PHE C 104 -21.91 -25.68 -26.74
CA PHE C 104 -22.15 -26.40 -25.50
C PHE C 104 -22.94 -25.57 -24.49
N LEU C 105 -22.48 -24.35 -24.21
CA LEU C 105 -22.89 -23.64 -23.00
C LEU C 105 -24.26 -23.02 -23.19
N ILE C 106 -24.45 -22.31 -24.31
CA ILE C 106 -25.72 -21.66 -24.58
C ILE C 106 -26.78 -22.71 -24.91
N PRO C 107 -26.53 -23.70 -25.80
CA PRO C 107 -27.50 -24.78 -26.02
C PRO C 107 -28.03 -25.43 -24.74
N ASN C 108 -27.15 -25.65 -23.75
CA ASN C 108 -27.49 -26.43 -22.56
C ASN C 108 -28.04 -25.55 -21.44
N ALA C 109 -28.16 -24.23 -21.67
CA ALA C 109 -28.63 -23.36 -20.62
C ALA C 109 -30.13 -23.56 -20.40
N SER C 110 -30.45 -24.21 -19.27
CA SER C 110 -31.81 -24.61 -18.92
C SER C 110 -32.59 -23.47 -18.27
N GLN C 111 -31.89 -22.52 -17.66
CA GLN C 111 -32.47 -21.53 -16.78
C GLN C 111 -32.08 -20.14 -17.29
N ALA C 112 -32.90 -19.12 -16.98
CA ALA C 112 -32.69 -17.79 -17.55
C ALA C 112 -31.36 -17.21 -17.08
N GLU C 113 -31.07 -17.40 -15.79
CA GLU C 113 -29.83 -16.97 -15.18
C GLU C 113 -28.63 -17.45 -16.01
N SER C 114 -28.58 -18.75 -16.33
CA SER C 114 -27.45 -19.32 -17.04
CA SER C 114 -27.47 -19.33 -17.05
CA SER C 114 -27.46 -19.33 -17.05
C SER C 114 -27.40 -18.74 -18.46
N LYS C 115 -28.57 -18.60 -19.09
CA LYS C 115 -28.64 -18.08 -20.46
C LYS C 115 -28.07 -16.67 -20.48
N VAL C 116 -28.52 -15.83 -19.53
CA VAL C 116 -28.04 -14.46 -19.44
C VAL C 116 -26.52 -14.46 -19.26
N PHE C 117 -26.01 -15.37 -18.43
CA PHE C 117 -24.61 -15.37 -18.06
C PHE C 117 -23.76 -15.65 -19.29
N TYR C 118 -24.12 -16.69 -20.04
CA TYR C 118 -23.34 -17.10 -21.20
C TYR C 118 -23.51 -16.10 -22.35
N LEU C 119 -24.69 -15.50 -22.48
CA LEU C 119 -24.89 -14.50 -23.52
C LEU C 119 -24.05 -13.27 -23.19
N LYS C 120 -23.96 -12.93 -21.91
CA LYS C 120 -23.10 -11.86 -21.45
C LYS C 120 -21.64 -12.18 -21.81
N MET C 121 -21.25 -13.42 -21.56
CA MET C 121 -19.88 -13.85 -21.80
C MET C 121 -19.58 -13.78 -23.29
N LYS C 122 -20.56 -14.17 -24.12
CA LYS C 122 -20.47 -14.03 -25.58
C LYS C 122 -20.23 -12.56 -25.95
N GLY C 123 -21.00 -11.67 -25.34
CA GLY C 123 -20.81 -10.26 -25.57
C GLY C 123 -19.39 -9.82 -25.24
N ASP C 124 -18.87 -10.33 -24.12
CA ASP C 124 -17.57 -9.93 -23.60
C ASP C 124 -16.47 -10.36 -24.58
N TYR C 125 -16.50 -11.61 -25.01
CA TYR C 125 -15.42 -12.12 -25.84
C TYR C 125 -15.46 -11.48 -27.23
N TYR C 126 -16.66 -11.15 -27.74
CA TYR C 126 -16.74 -10.39 -28.98
C TYR C 126 -16.22 -8.98 -28.72
N ARG C 127 -16.47 -8.45 -27.52
CA ARG C 127 -15.96 -7.13 -27.18
C ARG C 127 -14.43 -7.15 -27.18
N TYR C 128 -13.83 -8.25 -26.71
CA TYR C 128 -12.38 -8.34 -26.64
C TYR C 128 -11.82 -8.38 -28.06
N LEU C 129 -12.51 -9.08 -28.97
CA LEU C 129 -12.16 -9.11 -30.37
C LEU C 129 -12.28 -7.73 -30.98
N ALA C 130 -13.33 -6.98 -30.64
CA ALA C 130 -13.56 -5.65 -31.19
C ALA C 130 -12.47 -4.68 -30.79
N GLU C 131 -11.88 -4.86 -29.60
CA GLU C 131 -10.86 -3.98 -29.06
C GLU C 131 -9.63 -3.95 -29.96
N VAL C 132 -9.52 -5.01 -30.77
CA VAL C 132 -8.31 -5.42 -31.44
C VAL C 132 -8.54 -5.55 -32.95
N ALA C 133 -9.77 -5.30 -33.39
CA ALA C 133 -10.18 -5.49 -34.78
C ALA C 133 -10.01 -4.19 -35.57
N ALA C 134 -9.62 -4.35 -36.85
CA ALA C 134 -9.46 -3.22 -37.74
C ALA C 134 -10.35 -3.38 -38.98
N GLY C 135 -11.07 -2.29 -39.31
CA GLY C 135 -11.62 -2.08 -40.64
C GLY C 135 -12.85 -2.94 -40.95
N ASP C 136 -12.73 -3.77 -41.99
CA ASP C 136 -13.87 -4.43 -42.59
C ASP C 136 -14.45 -5.47 -41.62
N ASP C 137 -13.58 -6.16 -40.90
CA ASP C 137 -13.98 -7.15 -39.91
C ASP C 137 -14.79 -6.54 -38.77
N LYS C 138 -14.42 -5.31 -38.36
CA LYS C 138 -14.83 -4.74 -37.09
C LYS C 138 -16.35 -4.54 -37.00
N LYS C 139 -16.97 -3.83 -37.95
CA LYS C 139 -18.40 -3.54 -37.89
C LYS C 139 -19.17 -4.83 -37.55
N GLY C 140 -18.71 -5.97 -38.09
CA GLY C 140 -19.39 -7.24 -37.92
C GLY C 140 -19.18 -7.85 -36.54
N ILE C 141 -17.96 -7.67 -35.99
CA ILE C 141 -17.63 -8.18 -34.66
C ILE C 141 -18.36 -7.34 -33.60
N VAL C 142 -18.33 -6.02 -33.77
CA VAL C 142 -19.05 -5.11 -32.89
C VAL C 142 -20.53 -5.50 -32.83
N ASP C 143 -21.12 -5.81 -33.99
CA ASP C 143 -22.55 -6.12 -34.04
C ASP C 143 -22.82 -7.41 -33.29
N GLN C 144 -21.98 -8.42 -33.50
CA GLN C 144 -22.09 -9.70 -32.81
C GLN C 144 -22.12 -9.48 -31.30
N SER C 145 -21.24 -8.60 -30.79
CA SER C 145 -21.15 -8.28 -29.38
C SER C 145 -22.47 -7.65 -28.93
N GLN C 146 -22.88 -6.57 -29.61
CA GLN C 146 -24.10 -5.86 -29.27
C GLN C 146 -25.29 -6.80 -29.25
N GLN C 147 -25.36 -7.71 -30.23
CA GLN C 147 -26.49 -8.61 -30.39
C GLN C 147 -26.58 -9.56 -29.20
N ALA C 148 -25.41 -10.05 -28.73
CA ALA C 148 -25.35 -10.99 -27.63
C ALA C 148 -25.70 -10.30 -26.30
N TYR C 149 -25.14 -9.10 -26.08
CA TYR C 149 -25.48 -8.32 -24.91
C TYR C 149 -26.97 -8.06 -24.89
N GLN C 150 -27.52 -7.67 -26.06
CA GLN C 150 -28.88 -7.19 -26.17
C GLN C 150 -29.86 -8.33 -25.86
N GLU C 151 -29.57 -9.53 -26.34
CA GLU C 151 -30.44 -10.67 -26.05
C GLU C 151 -30.41 -10.96 -24.56
N ALA C 152 -29.22 -10.87 -23.96
CA ALA C 152 -29.03 -11.11 -22.53
C ALA C 152 -29.82 -10.10 -21.73
N PHE C 153 -29.74 -8.83 -22.15
CA PHE C 153 -30.40 -7.73 -21.46
C PHE C 153 -31.92 -7.96 -21.45
N GLU C 154 -32.45 -8.38 -22.61
CA GLU C 154 -33.88 -8.62 -22.77
C GLU C 154 -34.33 -9.67 -21.76
N ILE C 155 -33.64 -10.82 -21.77
CA ILE C 155 -34.00 -11.93 -20.91
C ILE C 155 -33.90 -11.51 -19.45
N SER C 156 -32.83 -10.77 -19.13
CA SER C 156 -32.58 -10.37 -17.75
CA SER C 156 -32.58 -10.37 -17.75
C SER C 156 -33.73 -9.48 -17.26
N LYS C 157 -34.26 -8.64 -18.15
CA LYS C 157 -35.34 -7.74 -17.78
C LYS C 157 -36.66 -8.50 -17.62
N LYS C 158 -36.80 -9.65 -18.28
CA LYS C 158 -38.02 -10.41 -18.23
C LYS C 158 -37.99 -11.38 -17.04
N GLU C 159 -36.81 -11.96 -16.73
CA GLU C 159 -36.77 -13.13 -15.88
C GLU C 159 -36.06 -12.88 -14.55
N MET C 160 -35.40 -11.75 -14.39
CA MET C 160 -34.49 -11.59 -13.26
C MET C 160 -34.80 -10.29 -12.53
N GLN C 161 -34.65 -10.33 -11.20
CA GLN C 161 -34.88 -9.16 -10.38
C GLN C 161 -33.81 -8.12 -10.67
N PRO C 162 -34.09 -6.82 -10.51
CA PRO C 162 -33.11 -5.78 -10.79
C PRO C 162 -31.88 -5.75 -9.88
N THR C 163 -31.88 -6.56 -8.81
CA THR C 163 -30.75 -6.60 -7.89
C THR C 163 -29.91 -7.86 -8.12
N HIS C 164 -30.35 -8.73 -9.04
CA HIS C 164 -29.60 -9.96 -9.28
C HIS C 164 -28.19 -9.61 -9.77
N PRO C 165 -27.14 -10.11 -9.10
CA PRO C 165 -25.76 -9.80 -9.49
C PRO C 165 -25.44 -9.97 -10.97
N ILE C 166 -26.01 -11.01 -11.58
CA ILE C 166 -25.72 -11.31 -12.97
C ILE C 166 -26.36 -10.27 -13.89
N ARG C 167 -27.56 -9.82 -13.51
CA ARG C 167 -28.22 -8.74 -14.23
C ARG C 167 -27.41 -7.45 -14.11
N LEU C 168 -26.94 -7.14 -12.90
CA LEU C 168 -26.20 -5.90 -12.68
C LEU C 168 -24.85 -5.96 -13.37
N GLY C 169 -24.22 -7.15 -13.34
CA GLY C 169 -22.97 -7.37 -14.04
C GLY C 169 -23.11 -7.10 -15.53
N LEU C 170 -24.20 -7.62 -16.11
CA LEU C 170 -24.48 -7.44 -17.52
C LEU C 170 -24.63 -5.95 -17.85
N ALA C 171 -25.40 -5.23 -17.03
CA ALA C 171 -25.56 -3.80 -17.22
C ALA C 171 -24.20 -3.10 -17.22
N LEU C 172 -23.35 -3.44 -16.24
CA LEU C 172 -22.03 -2.84 -16.14
C LEU C 172 -21.27 -3.06 -17.46
N ASN C 173 -21.17 -4.31 -17.89
CA ASN C 173 -20.38 -4.63 -19.06
C ASN C 173 -20.99 -4.02 -20.31
N PHE C 174 -22.33 -4.07 -20.42
CA PHE C 174 -23.00 -3.55 -21.59
C PHE C 174 -22.80 -2.04 -21.67
N SER C 175 -22.88 -1.36 -20.51
CA SER C 175 -22.59 0.07 -20.45
CA SER C 175 -22.59 0.07 -20.45
C SER C 175 -21.17 0.32 -20.96
N VAL C 176 -20.22 -0.54 -20.56
CA VAL C 176 -18.83 -0.39 -20.93
C VAL C 176 -18.70 -0.57 -22.44
N PHE C 177 -19.42 -1.53 -23.01
CA PHE C 177 -19.44 -1.71 -24.45
C PHE C 177 -19.82 -0.40 -25.15
N TYR C 178 -20.89 0.24 -24.70
CA TYR C 178 -21.35 1.47 -25.32
C TYR C 178 -20.25 2.53 -25.25
N TYR C 179 -19.55 2.64 -24.12
CA TYR C 179 -18.62 3.74 -23.88
C TYR C 179 -17.30 3.55 -24.62
N GLU C 180 -16.81 2.31 -24.73
CA GLU C 180 -15.45 2.04 -25.15
C GLU C 180 -15.42 1.58 -26.60
N ILE C 181 -16.46 0.87 -27.07
CA ILE C 181 -16.46 0.30 -28.40
C ILE C 181 -17.25 1.18 -29.37
N LEU C 182 -18.46 1.59 -28.97
CA LEU C 182 -19.34 2.42 -29.81
C LEU C 182 -19.13 3.91 -29.55
N ASN C 183 -18.30 4.26 -28.57
CA ASN C 183 -18.00 5.65 -28.25
C ASN C 183 -19.28 6.49 -28.11
N SER C 184 -20.28 5.94 -27.42
CA SER C 184 -21.54 6.62 -27.15
C SER C 184 -21.70 6.82 -25.65
N PRO C 185 -21.09 7.85 -25.04
CA PRO C 185 -21.15 8.04 -23.58
C PRO C 185 -22.55 8.26 -23.02
N GLU C 186 -23.45 8.88 -23.79
CA GLU C 186 -24.77 9.21 -23.31
C GLU C 186 -25.58 7.93 -23.11
N LYS C 187 -25.48 6.99 -24.06
CA LYS C 187 -26.17 5.70 -23.95
C LYS C 187 -25.56 4.89 -22.82
N ALA C 188 -24.23 4.99 -22.67
CA ALA C 188 -23.51 4.27 -21.63
C ALA C 188 -23.98 4.74 -20.25
N CYS C 189 -24.00 6.07 -20.06
CA CYS C 189 -24.44 6.64 -18.79
C CYS C 189 -25.87 6.26 -18.48
N SER C 190 -26.75 6.32 -19.49
CA SER C 190 -28.18 6.11 -19.29
CA SER C 190 -28.18 6.11 -19.29
C SER C 190 -28.46 4.68 -18.87
N LEU C 191 -27.76 3.74 -19.48
CA LEU C 191 -27.93 2.32 -19.16
C LEU C 191 -27.48 2.07 -17.72
N ALA C 192 -26.29 2.55 -17.38
CA ALA C 192 -25.72 2.36 -16.06
C ALA C 192 -26.60 3.01 -14.99
N LYS C 193 -27.05 4.24 -15.26
CA LYS C 193 -27.87 4.99 -14.33
C LYS C 193 -29.19 4.25 -14.10
N THR C 194 -29.82 3.78 -15.19
CA THR C 194 -31.08 3.07 -15.09
C THR C 194 -30.92 1.81 -14.25
N ALA C 195 -29.89 1.01 -14.55
CA ALA C 195 -29.67 -0.26 -13.85
C ALA C 195 -29.48 0.00 -12.36
N PHE C 196 -28.66 1.02 -12.04
CA PHE C 196 -28.47 1.42 -10.65
C PHE C 196 -29.80 1.81 -10.05
N ASP C 197 -30.49 2.80 -10.67
CA ASP C 197 -31.71 3.38 -10.12
C ASP C 197 -32.75 2.29 -9.88
N GLU C 198 -32.89 1.35 -10.82
CA GLU C 198 -33.85 0.27 -10.69
C GLU C 198 -33.49 -0.65 -9.52
N ALA C 199 -32.19 -0.74 -9.20
CA ALA C 199 -31.75 -1.63 -8.13
C ALA C 199 -32.05 -0.98 -6.78
N ILE C 200 -31.74 0.31 -6.59
CA ILE C 200 -32.04 0.97 -5.32
C ILE C 200 -33.56 1.02 -5.12
N ALA C 201 -34.31 1.12 -6.22
CA ALA C 201 -35.77 1.14 -6.15
C ALA C 201 -36.34 -0.20 -5.66
N GLU C 202 -35.59 -1.30 -5.83
CA GLU C 202 -36.07 -2.62 -5.45
C GLU C 202 -35.08 -3.25 -4.47
N LEU C 203 -34.62 -2.43 -3.51
CA LEU C 203 -33.68 -2.86 -2.49
C LEU C 203 -34.29 -3.99 -1.65
N ASP C 204 -35.62 -4.01 -1.61
CA ASP C 204 -36.46 -5.04 -1.00
C ASP C 204 -36.04 -6.45 -1.43
N THR C 205 -35.40 -6.55 -2.60
CA THR C 205 -35.22 -7.84 -3.26
C THR C 205 -33.86 -8.46 -2.96
N LEU C 206 -32.96 -7.71 -2.32
CA LEU C 206 -31.62 -8.23 -2.01
C LEU C 206 -31.77 -9.44 -1.08
N SER C 207 -30.94 -10.46 -1.28
CA SER C 207 -31.12 -11.76 -0.63
C SER C 207 -29.88 -12.12 0.17
N GLU C 208 -29.99 -13.08 1.10
CA GLU C 208 -28.89 -13.58 1.90
C GLU C 208 -27.70 -13.94 1.03
N GLU C 209 -28.01 -14.63 -0.06
CA GLU C 209 -26.99 -15.28 -0.88
C GLU C 209 -26.21 -14.24 -1.69
N SER C 210 -26.80 -13.06 -1.94
CA SER C 210 -26.40 -12.20 -3.05
C SER C 210 -26.16 -10.75 -2.64
N TYR C 211 -26.62 -10.32 -1.46
CA TYR C 211 -26.64 -8.90 -1.12
C TYR C 211 -25.23 -8.33 -1.29
N LYS C 212 -24.18 -9.10 -0.99
CA LYS C 212 -22.82 -8.61 -1.07
C LYS C 212 -22.45 -8.33 -2.53
N ASP C 213 -22.70 -9.31 -3.41
CA ASP C 213 -22.36 -9.15 -4.82
C ASP C 213 -23.22 -8.06 -5.46
N SER C 214 -24.50 -7.98 -5.08
CA SER C 214 -25.39 -6.95 -5.60
C SER C 214 -24.84 -5.56 -5.31
N THR C 215 -24.53 -5.29 -4.05
CA THR C 215 -24.19 -3.94 -3.62
C THR C 215 -22.81 -3.58 -4.15
N LEU C 216 -21.94 -4.58 -4.29
CA LEU C 216 -20.62 -4.37 -4.87
C LEU C 216 -20.76 -3.87 -6.31
N ILE C 217 -21.55 -4.58 -7.11
CA ILE C 217 -21.68 -4.25 -8.52
C ILE C 217 -22.43 -2.94 -8.67
N MET C 218 -23.39 -2.67 -7.77
CA MET C 218 -24.09 -1.39 -7.76
C MET C 218 -23.09 -0.25 -7.60
N GLN C 219 -22.08 -0.45 -6.75
CA GLN C 219 -21.07 0.57 -6.50
C GLN C 219 -20.17 0.70 -7.72
N LEU C 220 -19.86 -0.40 -8.40
CA LEU C 220 -19.06 -0.32 -9.62
C LEU C 220 -19.78 0.52 -10.67
N LEU C 221 -21.10 0.35 -10.80
CA LEU C 221 -21.89 1.17 -11.72
C LEU C 221 -21.73 2.64 -11.38
N ARG C 222 -21.89 3.00 -10.10
CA ARG C 222 -21.76 4.39 -9.67
C ARG C 222 -20.35 4.90 -9.96
N ASP C 223 -19.32 4.08 -9.68
CA ASP C 223 -17.94 4.48 -9.90
C ASP C 223 -17.76 4.88 -11.36
N ASN C 224 -18.28 4.06 -12.28
CA ASN C 224 -18.17 4.32 -13.71
C ASN C 224 -18.93 5.60 -14.07
N LEU C 225 -20.12 5.79 -13.51
CA LEU C 225 -20.91 6.98 -13.77
C LEU C 225 -20.16 8.23 -13.30
N THR C 226 -19.58 8.15 -12.10
CA THR C 226 -18.84 9.26 -11.52
C THR C 226 -17.67 9.61 -12.43
N LEU C 227 -16.89 8.60 -12.82
CA LEU C 227 -15.76 8.78 -13.73
C LEU C 227 -16.22 9.44 -15.03
N TRP C 228 -17.39 9.02 -15.54
CA TRP C 228 -17.84 9.40 -16.88
C TRP C 228 -18.51 10.78 -16.89
N THR C 229 -19.08 11.22 -15.75
CA THR C 229 -19.74 12.51 -15.69
C THR C 229 -18.81 13.56 -15.08
N SER C 230 -17.52 13.22 -14.94
CA SER C 230 -16.48 14.21 -14.66
C SER C 230 -15.75 14.57 -15.97
N MET D 1 12.51 18.22 37.73
CA MET D 1 12.98 17.32 36.65
C MET D 1 14.38 17.78 36.19
N ASP D 2 15.38 16.89 36.27
CA ASP D 2 16.73 17.17 35.82
C ASP D 2 16.85 16.81 34.33
N LYS D 3 17.96 17.22 33.70
CA LYS D 3 18.14 17.10 32.26
C LYS D 3 17.82 15.66 31.82
N ASN D 4 18.23 14.66 32.63
CA ASN D 4 18.01 13.27 32.28
C ASN D 4 16.52 12.91 32.31
N GLU D 5 15.80 13.44 33.30
CA GLU D 5 14.36 13.23 33.40
C GLU D 5 13.66 13.81 32.16
N LEU D 6 13.98 15.06 31.83
CA LEU D 6 13.37 15.75 30.70
C LEU D 6 13.58 14.97 29.40
N VAL D 7 14.80 14.44 29.19
CA VAL D 7 15.07 13.73 27.96
C VAL D 7 14.28 12.41 27.93
N GLN D 8 14.12 11.77 29.09
CA GLN D 8 13.33 10.55 29.19
C GLN D 8 11.88 10.87 28.80
N LYS D 9 11.38 12.02 29.32
CA LYS D 9 10.00 12.45 29.10
C LYS D 9 9.79 12.80 27.62
N ALA D 10 10.76 13.50 27.02
CA ALA D 10 10.69 13.84 25.61
C ALA D 10 10.59 12.58 24.75
N LYS D 11 11.29 11.52 25.16
CA LYS D 11 11.27 10.27 24.43
C LYS D 11 9.91 9.58 24.56
N LEU D 12 9.30 9.66 25.75
CA LEU D 12 7.94 9.16 25.95
C LEU D 12 6.97 9.90 25.04
N ALA D 13 7.01 11.24 25.10
CA ALA D 13 6.15 12.09 24.30
C ALA D 13 6.25 11.72 22.83
N GLU D 14 7.48 11.43 22.36
CA GLU D 14 7.69 11.08 20.96
C GLU D 14 6.96 9.78 20.63
N GLN D 15 7.08 8.80 21.53
CA GLN D 15 6.42 7.52 21.39
C GLN D 15 4.91 7.71 21.30
N ALA D 16 4.40 8.66 22.08
CA ALA D 16 2.98 8.90 22.19
C ALA D 16 2.48 9.89 21.14
N GLU D 17 3.35 10.33 20.23
CA GLU D 17 2.98 11.27 19.17
C GLU D 17 2.40 12.54 19.79
N ARG D 18 2.97 12.99 20.91
CA ARG D 18 2.56 14.21 21.57
C ARG D 18 3.70 15.23 21.49
N TYR D 19 3.84 15.84 20.32
CA TYR D 19 5.01 16.61 19.96
C TYR D 19 5.07 17.96 20.70
N ASP D 20 3.93 18.49 21.15
CA ASP D 20 3.94 19.75 21.88
C ASP D 20 4.65 19.53 23.21
N ASP D 21 4.31 18.43 23.89
CA ASP D 21 5.01 17.99 25.08
C ASP D 21 6.50 17.79 24.78
N MET D 22 6.79 17.12 23.66
CA MET D 22 8.16 16.76 23.30
C MET D 22 8.96 18.05 23.14
N ALA D 23 8.40 19.01 22.42
CA ALA D 23 9.04 20.30 22.21
C ALA D 23 9.30 20.98 23.56
N ALA D 24 8.30 20.95 24.45
CA ALA D 24 8.37 21.66 25.71
C ALA D 24 9.54 21.13 26.54
N CYS D 25 9.65 19.81 26.62
CA CYS D 25 10.76 19.16 27.31
C CYS D 25 12.11 19.60 26.76
N MET D 26 12.28 19.53 25.43
CA MET D 26 13.58 19.78 24.83
C MET D 26 13.92 21.27 24.88
N LYS D 27 12.90 22.13 24.98
CA LYS D 27 13.10 23.55 25.14
C LYS D 27 13.69 23.85 26.52
N SER D 28 13.21 23.12 27.54
CA SER D 28 13.72 23.28 28.89
C SER D 28 15.18 22.85 28.97
N VAL D 29 15.48 21.69 28.37
CA VAL D 29 16.86 21.22 28.29
C VAL D 29 17.72 22.33 27.68
N THR D 30 17.26 22.87 26.55
CA THR D 30 18.05 23.85 25.83
C THR D 30 18.28 25.09 26.70
N GLU D 31 17.27 25.44 27.50
CA GLU D 31 17.30 26.64 28.33
C GLU D 31 18.25 26.49 29.53
N GLN D 32 18.67 25.27 29.84
CA GLN D 32 19.61 25.04 30.92
C GLN D 32 21.03 25.42 30.49
N GLY D 33 21.19 25.90 29.25
CA GLY D 33 22.35 26.67 28.87
C GLY D 33 23.47 25.84 28.22
N ALA D 34 23.55 24.55 28.52
CA ALA D 34 24.65 23.70 28.09
C ALA D 34 24.46 23.24 26.64
N GLU D 35 25.58 23.05 25.94
CA GLU D 35 25.60 22.55 24.58
C GLU D 35 24.90 21.19 24.54
N LEU D 36 24.08 20.98 23.51
CA LEU D 36 23.29 19.76 23.41
C LEU D 36 24.13 18.66 22.79
N SER D 37 23.91 17.42 23.27
CA SER D 37 24.46 16.24 22.64
C SER D 37 23.74 16.01 21.31
N ASN D 38 24.29 15.13 20.47
CA ASN D 38 23.68 14.81 19.20
C ASN D 38 22.27 14.28 19.44
N GLU D 39 22.10 13.41 20.45
CA GLU D 39 20.82 12.84 20.77
C GLU D 39 19.80 13.95 21.06
N GLU D 40 20.17 14.87 21.95
CA GLU D 40 19.29 15.94 22.40
C GLU D 40 18.95 16.88 21.24
N ARG D 41 19.95 17.18 20.41
CA ARG D 41 19.77 18.07 19.28
C ARG D 41 18.75 17.47 18.29
N ASN D 42 18.84 16.16 18.08
CA ASN D 42 17.93 15.50 17.16
C ASN D 42 16.53 15.50 17.76
N LEU D 43 16.43 15.26 19.08
CA LEU D 43 15.15 15.28 19.76
C LEU D 43 14.51 16.66 19.63
N LEU D 44 15.31 17.72 19.79
CA LEU D 44 14.79 19.07 19.69
C LEU D 44 14.26 19.31 18.29
N SER D 45 15.08 18.97 17.27
CA SER D 45 14.71 19.28 15.90
C SER D 45 13.47 18.48 15.48
N VAL D 46 13.37 17.23 15.92
CA VAL D 46 12.23 16.40 15.55
C VAL D 46 10.96 16.95 16.20
N ALA D 47 11.03 17.24 17.49
CA ALA D 47 9.88 17.78 18.20
C ALA D 47 9.32 18.97 17.41
N TYR D 48 10.20 19.92 17.08
CA TYR D 48 9.77 21.19 16.51
C TYR D 48 9.39 21.00 15.04
N LYS D 49 10.07 20.12 14.30
CA LYS D 49 9.69 19.88 12.91
C LYS D 49 8.25 19.39 12.87
N ASN D 50 7.86 18.53 13.83
CA ASN D 50 6.50 18.00 13.87
C ASN D 50 5.50 19.08 14.29
N VAL D 51 5.85 19.85 15.32
CA VAL D 51 4.97 20.88 15.83
C VAL D 51 4.71 21.91 14.73
N VAL D 52 5.76 22.39 14.06
CA VAL D 52 5.62 23.40 13.03
C VAL D 52 4.99 22.77 11.78
N GLY D 53 5.27 21.49 11.55
CA GLY D 53 4.79 20.81 10.35
C GLY D 53 3.27 20.65 10.32
N ALA D 54 2.67 20.48 11.50
CA ALA D 54 1.23 20.34 11.59
C ALA D 54 0.57 21.65 11.14
N ARG D 55 1.14 22.79 11.58
CA ARG D 55 0.62 24.11 11.21
C ARG D 55 0.85 24.36 9.72
N ARG D 56 2.05 24.06 9.22
CA ARG D 56 2.31 24.26 7.81
C ARG D 56 1.29 23.49 6.98
N SER D 57 1.01 22.24 7.37
CA SER D 57 0.13 21.39 6.60
C SER D 57 -1.31 21.94 6.63
N SER D 58 -1.76 22.33 7.82
CA SER D 58 -3.06 22.94 8.00
C SER D 58 -3.17 24.18 7.14
N TRP D 59 -2.16 25.04 7.21
CA TRP D 59 -2.13 26.30 6.49
C TRP D 59 -2.30 26.06 4.99
N ARG D 60 -1.60 25.08 4.42
CA ARG D 60 -1.69 24.83 3.00
C ARG D 60 -3.13 24.44 2.65
N VAL D 61 -3.74 23.59 3.49
CA VAL D 61 -5.08 23.09 3.22
C VAL D 61 -6.08 24.24 3.27
N VAL D 62 -6.06 25.02 4.36
CA VAL D 62 -6.98 26.13 4.51
C VAL D 62 -6.72 27.15 3.41
N SER D 63 -5.44 27.49 3.15
CA SER D 63 -5.08 28.49 2.16
C SER D 63 -5.61 28.07 0.79
N SER D 64 -5.47 26.78 0.46
CA SER D 64 -5.92 26.26 -0.82
C SER D 64 -7.44 26.37 -0.95
N ILE D 65 -8.15 26.10 0.15
CA ILE D 65 -9.60 26.21 0.18
C ILE D 65 -10.01 27.68 0.04
N GLU D 66 -9.33 28.55 0.79
CA GLU D 66 -9.59 29.99 0.83
C GLU D 66 -9.53 30.57 -0.59
N GLN D 67 -8.46 30.25 -1.32
CA GLN D 67 -8.25 30.77 -2.65
C GLN D 67 -9.26 30.18 -3.64
N LYS D 68 -9.57 28.89 -3.51
CA LYS D 68 -10.41 28.17 -4.47
C LYS D 68 -11.86 28.65 -4.43
N THR D 69 -12.29 29.17 -3.28
CA THR D 69 -13.60 29.79 -3.14
C THR D 69 -13.47 31.31 -3.34
N LYS D 75 -17.68 33.46 2.76
CA LYS D 75 -17.10 32.19 3.28
C LYS D 75 -15.58 32.23 3.23
N GLN D 76 -15.03 32.88 2.20
CA GLN D 76 -13.60 33.13 2.10
C GLN D 76 -13.15 34.06 3.23
N GLN D 77 -14.02 34.92 3.76
CA GLN D 77 -13.66 35.77 4.89
C GLN D 77 -13.50 34.93 6.16
N MET D 78 -14.22 33.81 6.23
CA MET D 78 -14.12 32.86 7.34
C MET D 78 -12.82 32.06 7.19
N ALA D 79 -12.57 31.55 5.98
CA ALA D 79 -11.35 30.82 5.69
C ALA D 79 -10.11 31.68 5.94
N ARG D 80 -10.18 32.97 5.57
CA ARG D 80 -9.05 33.87 5.70
C ARG D 80 -8.78 34.14 7.18
N GLU D 81 -9.83 34.18 8.01
CA GLU D 81 -9.66 34.46 9.44
C GLU D 81 -9.02 33.25 10.14
N TYR D 82 -9.38 32.04 9.67
CA TYR D 82 -8.85 30.81 10.21
C TYR D 82 -7.37 30.71 9.82
N ARG D 83 -7.08 30.91 8.52
CA ARG D 83 -5.71 30.92 8.04
C ARG D 83 -4.83 31.80 8.92
N GLU D 84 -5.33 32.98 9.28
CA GLU D 84 -4.57 33.93 10.05
C GLU D 84 -4.35 33.41 11.47
N LYS D 85 -5.34 32.69 12.00
CA LYS D 85 -5.21 32.10 13.32
C LYS D 85 -4.09 31.06 13.32
N ILE D 86 -4.03 30.29 12.23
CA ILE D 86 -3.01 29.28 12.04
C ILE D 86 -1.64 29.95 11.87
N GLU D 87 -1.58 31.02 11.05
CA GLU D 87 -0.33 31.73 10.83
C GLU D 87 0.24 32.25 12.15
N THR D 88 -0.62 32.72 13.03
CA THR D 88 -0.19 33.27 14.30
CA THR D 88 -0.18 33.27 14.30
C THR D 88 0.45 32.15 15.12
N GLU D 89 -0.17 30.97 15.12
CA GLU D 89 0.41 29.82 15.81
C GLU D 89 1.79 29.50 15.22
N LEU D 90 1.85 29.47 13.89
CA LEU D 90 3.05 29.08 13.18
C LEU D 90 4.18 30.06 13.49
N ARG D 91 3.88 31.35 13.50
CA ARG D 91 4.91 32.36 13.75
C ARG D 91 5.47 32.21 15.17
N ASP D 92 4.58 32.00 16.14
CA ASP D 92 4.99 31.88 17.53
C ASP D 92 5.96 30.72 17.68
N ILE D 93 5.65 29.60 17.01
CA ILE D 93 6.49 28.41 17.05
C ILE D 93 7.85 28.75 16.46
N CYS D 94 7.87 29.32 15.24
CA CYS D 94 9.14 29.66 14.59
C CYS D 94 9.96 30.60 15.45
N ASN D 95 9.32 31.62 16.03
CA ASN D 95 10.03 32.62 16.80
C ASN D 95 10.60 31.99 18.07
N ASP D 96 9.87 31.00 18.62
CA ASP D 96 10.30 30.27 19.79
C ASP D 96 11.60 29.52 19.49
N VAL D 97 11.67 28.88 18.31
CA VAL D 97 12.84 28.10 17.92
C VAL D 97 14.00 29.07 17.64
N LEU D 98 13.69 30.17 16.96
CA LEU D 98 14.71 31.12 16.51
C LEU D 98 15.31 31.84 17.71
N SER D 99 14.49 32.11 18.73
CA SER D 99 14.96 32.62 19.99
C SER D 99 15.98 31.65 20.58
N LEU D 100 15.61 30.36 20.63
CA LEU D 100 16.48 29.32 21.16
C LEU D 100 17.80 29.28 20.38
N LEU D 101 17.73 29.41 19.07
CA LEU D 101 18.93 29.35 18.25
C LEU D 101 19.88 30.48 18.63
N GLU D 102 19.35 31.71 18.69
CA GLU D 102 20.17 32.91 18.85
C GLU D 102 20.74 32.98 20.27
N LYS D 103 20.01 32.47 21.28
CA LYS D 103 20.37 32.68 22.67
C LYS D 103 21.21 31.53 23.22
N PHE D 104 21.10 30.32 22.66
CA PHE D 104 21.69 29.15 23.29
C PHE D 104 22.48 28.28 22.30
N LEU D 105 21.86 27.92 21.18
CA LEU D 105 22.35 26.80 20.38
C LEU D 105 23.52 27.23 19.51
N ILE D 106 23.35 28.36 18.80
CA ILE D 106 24.40 28.86 17.93
C ILE D 106 25.57 29.39 18.77
N PRO D 107 25.37 30.22 19.81
CA PRO D 107 26.47 30.63 20.68
C PRO D 107 27.34 29.47 21.19
N ASN D 108 26.72 28.33 21.55
CA ASN D 108 27.42 27.23 22.20
C ASN D 108 27.99 26.23 21.21
N ALA D 109 27.77 26.46 19.91
CA ALA D 109 28.19 25.48 18.92
C ALA D 109 29.70 25.59 18.73
N SER D 110 30.45 24.65 19.33
CA SER D 110 31.91 24.71 19.36
C SER D 110 32.51 24.07 18.10
N GLN D 111 31.84 23.03 17.57
CA GLN D 111 32.34 22.33 16.40
C GLN D 111 31.58 22.81 15.16
N ALA D 112 32.25 22.76 14.00
CA ALA D 112 31.70 23.29 12.76
C ALA D 112 30.41 22.54 12.38
N GLU D 113 30.42 21.21 12.60
CA GLU D 113 29.27 20.36 12.31
C GLU D 113 28.01 20.96 12.97
N SER D 114 28.11 21.23 14.27
CA SER D 114 26.99 21.74 15.04
CA SER D 114 26.99 21.74 15.04
CA SER D 114 26.99 21.74 15.04
C SER D 114 26.59 23.13 14.55
N LYS D 115 27.60 23.96 14.22
CA LYS D 115 27.36 25.31 13.76
C LYS D 115 26.53 25.25 12.48
N VAL D 116 26.97 24.41 11.55
CA VAL D 116 26.27 24.27 10.28
C VAL D 116 24.84 23.80 10.53
N PHE D 117 24.66 22.87 11.48
CA PHE D 117 23.36 22.28 11.74
C PHE D 117 22.37 23.34 12.19
N TYR D 118 22.79 24.15 13.19
CA TYR D 118 21.91 25.15 13.78
C TYR D 118 21.69 26.31 12.80
N LEU D 119 22.70 26.66 12.02
CA LEU D 119 22.53 27.73 11.05
C LEU D 119 21.56 27.27 9.96
N LYS D 120 21.65 25.99 9.59
CA LYS D 120 20.70 25.42 8.65
C LYS D 120 19.29 25.49 9.22
N MET D 121 19.16 25.16 10.50
CA MET D 121 17.88 25.16 11.19
C MET D 121 17.32 26.58 11.22
N LYS D 122 18.19 27.57 11.47
CA LYS D 122 17.82 28.98 11.42
C LYS D 122 17.29 29.32 10.03
N GLY D 123 17.98 28.87 8.99
CA GLY D 123 17.52 29.10 7.63
C GLY D 123 16.12 28.53 7.42
N ASP D 124 15.90 27.33 7.96
CA ASP D 124 14.65 26.60 7.77
C ASP D 124 13.50 27.36 8.44
N TYR D 125 13.67 27.76 9.70
CA TYR D 125 12.57 28.37 10.41
C TYR D 125 12.26 29.76 9.84
N TYR D 126 13.27 30.47 9.33
CA TYR D 126 13.00 31.70 8.61
C TYR D 126 12.28 31.37 7.31
N ARG D 127 12.65 30.25 6.69
CA ARG D 127 11.98 29.84 5.47
C ARG D 127 10.50 29.56 5.76
N TYR D 128 10.20 28.98 6.92
CA TYR D 128 8.82 28.64 7.27
C TYR D 128 8.03 29.93 7.45
N LEU D 129 8.66 30.94 8.04
CA LEU D 129 8.07 32.27 8.19
C LEU D 129 7.80 32.88 6.81
N ALA D 130 8.77 32.74 5.88
CA ALA D 130 8.65 33.32 4.55
C ALA D 130 7.49 32.69 3.77
N GLU D 131 7.17 31.42 4.03
CA GLU D 131 6.13 30.70 3.31
C GLU D 131 4.77 31.37 3.52
N VAL D 132 4.71 32.16 4.60
CA VAL D 132 3.46 32.62 5.20
C VAL D 132 3.44 34.15 5.29
N ALA D 133 4.55 34.80 4.91
CA ALA D 133 4.68 36.24 5.02
C ALA D 133 4.20 36.93 3.75
N ALA D 134 3.53 38.07 3.92
CA ALA D 134 3.02 38.86 2.81
C ALA D 134 3.56 40.29 2.90
N GLY D 135 3.98 40.82 1.75
CA GLY D 135 4.24 42.25 1.58
C GLY D 135 5.47 42.77 2.32
N ASP D 136 5.21 43.67 3.29
CA ASP D 136 6.23 44.49 3.92
C ASP D 136 7.23 43.63 4.70
N ASP D 137 6.72 42.60 5.39
CA ASP D 137 7.54 41.72 6.22
C ASP D 137 8.52 40.92 5.36
N LYS D 138 8.08 40.51 4.17
CA LYS D 138 8.60 39.34 3.49
C LYS D 138 10.07 39.48 3.08
N LYS D 139 10.40 40.51 2.30
CA LYS D 139 11.75 40.70 1.79
C LYS D 139 12.77 40.55 2.93
N GLY D 140 12.40 41.02 4.14
CA GLY D 140 13.31 41.01 5.28
C GLY D 140 13.49 39.62 5.89
N ILE D 141 12.40 38.84 5.89
CA ILE D 141 12.42 37.48 6.40
C ILE D 141 13.18 36.57 5.44
N VAL D 142 12.89 36.71 4.14
CA VAL D 142 13.62 35.99 3.11
C VAL D 142 15.12 36.22 3.25
N ASP D 143 15.54 37.46 3.52
CA ASP D 143 16.96 37.79 3.62
C ASP D 143 17.58 37.06 4.80
N GLN D 144 16.89 37.10 5.95
CA GLN D 144 17.33 36.44 7.17
C GLN D 144 17.62 34.95 6.88
N SER D 145 16.70 34.31 6.15
CA SER D 145 16.83 32.92 5.77
C SER D 145 18.08 32.73 4.92
N GLN D 146 18.17 33.48 3.81
CA GLN D 146 19.29 33.36 2.89
C GLN D 146 20.62 33.55 3.60
N GLN D 147 20.67 34.52 4.52
CA GLN D 147 21.92 34.88 5.19
C GLN D 147 22.36 33.72 6.10
N ALA D 148 21.40 33.06 6.75
CA ALA D 148 21.70 31.94 7.65
C ALA D 148 22.14 30.71 6.86
N TYR D 149 21.45 30.42 5.77
CA TYR D 149 21.85 29.33 4.89
C TYR D 149 23.26 29.58 4.38
N GLN D 150 23.53 30.83 3.97
CA GLN D 150 24.76 31.17 3.28
C GLN D 150 25.94 31.05 4.24
N GLU D 151 25.76 31.45 5.49
CA GLU D 151 26.81 31.32 6.50
C GLU D 151 27.11 29.83 6.73
N ALA D 152 26.04 29.03 6.78
CA ALA D 152 26.13 27.59 6.99
C ALA D 152 26.90 26.95 5.83
N PHE D 153 26.54 27.37 4.62
CA PHE D 153 27.13 26.84 3.39
C PHE D 153 28.63 27.11 3.40
N GLU D 154 29.04 28.31 3.80
CA GLU D 154 30.43 28.73 3.77
C GLU D 154 31.22 27.84 4.71
N ILE D 155 30.74 27.70 5.95
CA ILE D 155 31.42 26.89 6.94
C ILE D 155 31.51 25.44 6.44
N SER D 156 30.41 24.94 5.90
CA SER D 156 30.33 23.55 5.47
CA SER D 156 30.34 23.55 5.48
C SER D 156 31.33 23.29 4.34
N LYS D 157 31.52 24.30 3.48
CA LYS D 157 32.42 24.16 2.33
C LYS D 157 33.87 24.15 2.80
N LYS D 158 34.15 24.81 3.94
CA LYS D 158 35.51 24.90 4.43
C LYS D 158 35.82 23.72 5.36
N GLU D 159 34.84 23.25 6.13
CA GLU D 159 35.11 22.44 7.31
C GLU D 159 34.60 21.01 7.16
N MET D 160 33.78 20.73 6.14
CA MET D 160 33.08 19.46 6.10
C MET D 160 33.31 18.78 4.76
N GLN D 161 33.42 17.46 4.82
CA GLN D 161 33.52 16.61 3.64
C GLN D 161 32.27 16.77 2.78
N PRO D 162 32.37 16.66 1.45
CA PRO D 162 31.18 16.79 0.59
C PRO D 162 30.15 15.67 0.72
N THR D 163 30.47 14.60 1.47
CA THR D 163 29.55 13.50 1.67
C THR D 163 28.90 13.56 3.05
N HIS D 164 29.30 14.54 3.87
CA HIS D 164 28.77 14.63 5.21
C HIS D 164 27.26 14.89 5.12
N PRO D 165 26.43 14.03 5.75
CA PRO D 165 24.97 14.18 5.68
C PRO D 165 24.43 15.57 5.98
N ILE D 166 25.04 16.27 6.94
CA ILE D 166 24.56 17.57 7.35
C ILE D 166 24.85 18.60 6.26
N ARG D 167 26.01 18.46 5.60
CA ARG D 167 26.33 19.32 4.48
C ARG D 167 25.38 19.05 3.31
N LEU D 168 25.10 17.78 3.02
CA LEU D 168 24.19 17.43 1.93
C LEU D 168 22.77 17.89 2.23
N GLY D 169 22.36 17.73 3.49
CA GLY D 169 21.07 18.20 3.95
C GLY D 169 20.92 19.71 3.73
N LEU D 170 21.97 20.46 4.08
CA LEU D 170 21.99 21.91 3.91
C LEU D 170 21.80 22.26 2.43
N ALA D 171 22.56 21.60 1.55
CA ALA D 171 22.43 21.82 0.12
C ALA D 171 20.99 21.58 -0.32
N LEU D 172 20.40 20.47 0.12
CA LEU D 172 19.03 20.13 -0.24
C LEU D 172 18.11 21.28 0.15
N ASN D 173 18.15 21.68 1.41
CA ASN D 173 17.22 22.69 1.90
C ASN D 173 17.52 24.04 1.24
N PHE D 174 18.79 24.38 1.06
CA PHE D 174 19.16 25.66 0.47
C PHE D 174 18.67 25.71 -0.97
N SER D 175 18.84 24.60 -1.70
CA SER D 175 18.32 24.50 -3.05
CA SER D 175 18.32 24.50 -3.05
C SER D 175 16.82 24.74 -3.04
N VAL D 176 16.13 24.15 -2.05
CA VAL D 176 14.68 24.27 -1.94
C VAL D 176 14.31 25.73 -1.71
N PHE D 177 15.08 26.42 -0.85
CA PHE D 177 14.87 27.83 -0.60
C PHE D 177 14.89 28.59 -1.92
N TYR D 178 15.91 28.37 -2.75
CA TYR D 178 16.03 29.11 -4.00
C TYR D 178 14.81 28.86 -4.88
N TYR D 179 14.30 27.62 -4.91
CA TYR D 179 13.28 27.25 -5.87
C TYR D 179 11.89 27.74 -5.45
N GLU D 180 11.58 27.68 -4.14
CA GLU D 180 10.21 27.88 -3.68
C GLU D 180 10.03 29.29 -3.13
N ILE D 181 11.07 29.90 -2.57
CA ILE D 181 10.95 31.19 -1.91
C ILE D 181 11.43 32.30 -2.85
N LEU D 182 12.61 32.14 -3.48
CA LEU D 182 13.17 33.16 -4.37
C LEU D 182 12.78 32.93 -5.84
N ASN D 183 12.09 31.82 -6.12
CA ASN D 183 11.62 31.51 -7.46
C ASN D 183 12.76 31.67 -8.47
N SER D 184 13.96 31.19 -8.12
CA SER D 184 15.11 31.18 -9.03
C SER D 184 15.53 29.74 -9.31
N PRO D 185 14.87 29.05 -10.27
CA PRO D 185 15.16 27.64 -10.51
C PRO D 185 16.59 27.35 -10.98
N GLU D 186 17.21 28.29 -11.69
CA GLU D 186 18.56 28.09 -12.22
C GLU D 186 19.56 27.98 -11.08
N LYS D 187 19.45 28.87 -10.08
CA LYS D 187 20.33 28.85 -8.91
C LYS D 187 20.06 27.58 -8.10
N ALA D 188 18.79 27.20 -8.02
CA ALA D 188 18.37 26.04 -7.25
C ALA D 188 18.99 24.77 -7.85
N CYS D 189 18.84 24.62 -9.17
CA CYS D 189 19.37 23.45 -9.86
C CYS D 189 20.88 23.36 -9.68
N SER D 190 21.58 24.49 -9.86
CA SER D 190 23.03 24.45 -9.94
C SER D 190 23.61 24.14 -8.55
N LEU D 191 22.97 24.61 -7.49
CA LEU D 191 23.43 24.31 -6.15
C LEU D 191 23.29 22.81 -5.85
N ALA D 192 22.09 22.28 -6.14
CA ALA D 192 21.80 20.87 -5.91
C ALA D 192 22.75 20.00 -6.72
N LYS D 193 22.92 20.35 -8.00
CA LYS D 193 23.75 19.59 -8.92
C LYS D 193 25.20 19.57 -8.44
N THR D 194 25.69 20.73 -8.02
CA THR D 194 27.08 20.86 -7.57
C THR D 194 27.30 19.99 -6.33
N ALA D 195 26.40 20.10 -5.35
CA ALA D 195 26.54 19.37 -4.11
C ALA D 195 26.53 17.86 -4.37
N PHE D 196 25.61 17.42 -5.25
CA PHE D 196 25.57 16.02 -5.67
C PHE D 196 26.90 15.65 -6.32
N ASP D 197 27.29 16.40 -7.36
CA ASP D 197 28.47 16.09 -8.16
C ASP D 197 29.72 16.00 -7.28
N GLU D 198 29.85 16.93 -6.32
CA GLU D 198 30.98 16.93 -5.41
C GLU D 198 30.98 15.67 -4.53
N ALA D 199 29.78 15.15 -4.23
CA ALA D 199 29.65 13.99 -3.37
C ALA D 199 30.06 12.72 -4.13
N ILE D 200 29.56 12.52 -5.37
CA ILE D 200 29.93 11.34 -6.14
C ILE D 200 31.43 11.37 -6.43
N ALA D 201 31.98 12.59 -6.59
CA ALA D 201 33.39 12.72 -6.90
C ALA D 201 34.26 12.31 -5.72
N GLU D 202 33.71 12.35 -4.49
CA GLU D 202 34.49 12.00 -3.30
C GLU D 202 33.77 10.89 -2.55
N LEU D 203 33.34 9.87 -3.29
CA LEU D 203 32.61 8.74 -2.76
C LEU D 203 33.49 7.96 -1.77
N ASP D 204 34.82 8.08 -1.95
CA ASP D 204 35.78 7.43 -1.06
C ASP D 204 35.73 8.03 0.34
N THR D 205 34.91 9.05 0.56
CA THR D 205 34.83 9.81 1.79
C THR D 205 33.77 9.23 2.74
N LEU D 206 32.88 8.37 2.20
CA LEU D 206 31.80 7.81 2.98
C LEU D 206 32.34 7.05 4.17
N SER D 207 31.62 7.14 5.30
CA SER D 207 32.03 6.52 6.56
C SER D 207 31.02 5.45 6.96
N GLU D 208 31.46 4.54 7.84
CA GLU D 208 30.59 3.47 8.34
C GLU D 208 29.37 4.09 9.02
N GLU D 209 29.58 5.20 9.73
CA GLU D 209 28.55 5.77 10.59
C GLU D 209 27.48 6.46 9.74
N SER D 210 27.83 6.90 8.52
CA SER D 210 27.01 7.87 7.79
C SER D 210 26.63 7.44 6.36
N TYR D 211 27.21 6.35 5.82
CA TYR D 211 27.07 6.06 4.41
C TYR D 211 25.60 6.00 4.02
N LYS D 212 24.75 5.49 4.93
CA LYS D 212 23.34 5.33 4.61
C LYS D 212 22.68 6.69 4.48
N ASP D 213 22.92 7.58 5.45
CA ASP D 213 22.34 8.91 5.43
C ASP D 213 22.87 9.69 4.22
N SER D 214 24.17 9.56 3.93
CA SER D 214 24.77 10.26 2.81
C SER D 214 24.05 9.91 1.50
N THR D 215 23.93 8.61 1.22
CA THR D 215 23.46 8.15 -0.07
C THR D 215 21.97 8.43 -0.21
N LEU D 216 21.25 8.39 0.92
CA LEU D 216 19.84 8.73 0.94
C LEU D 216 19.63 10.19 0.51
N ILE D 217 20.37 11.10 1.12
CA ILE D 217 20.21 12.53 0.85
C ILE D 217 20.68 12.84 -0.57
N MET D 218 21.72 12.12 -1.03
CA MET D 218 22.19 12.27 -2.39
C MET D 218 21.05 11.97 -3.36
N GLN D 219 20.24 10.95 -3.04
CA GLN D 219 19.13 10.55 -3.87
C GLN D 219 18.02 11.60 -3.80
N LEU D 220 17.79 12.20 -2.63
CA LEU D 220 16.80 13.24 -2.52
C LEU D 220 17.18 14.42 -3.42
N LEU D 221 18.47 14.78 -3.47
CA LEU D 221 18.94 15.83 -4.35
C LEU D 221 18.59 15.51 -5.80
N ARG D 222 18.88 14.28 -6.23
CA ARG D 222 18.61 13.86 -7.60
C ARG D 222 17.11 13.92 -7.87
N ASP D 223 16.31 13.43 -6.93
CA ASP D 223 14.86 13.42 -7.08
C ASP D 223 14.38 14.84 -7.39
N ASN D 224 14.87 15.81 -6.63
CA ASN D 224 14.49 17.19 -6.81
C ASN D 224 14.96 17.72 -8.16
N LEU D 225 16.19 17.39 -8.55
CA LEU D 225 16.73 17.82 -9.83
C LEU D 225 15.89 17.25 -10.97
N THR D 226 15.51 15.97 -10.85
CA THR D 226 14.70 15.30 -11.86
C THR D 226 13.34 16.00 -11.98
N LEU D 227 12.68 16.24 -10.84
CA LEU D 227 11.41 16.96 -10.82
C LEU D 227 11.56 18.33 -11.48
N TRP D 228 12.68 19.01 -11.23
CA TRP D 228 12.88 20.40 -11.62
C TRP D 228 13.34 20.54 -13.07
N THR D 229 13.97 19.51 -13.64
CA THR D 229 14.38 19.55 -15.04
C THR D 229 13.33 18.85 -15.92
N SER D 230 12.17 18.54 -15.33
CA SER D 230 10.92 18.29 -16.04
C SER D 230 10.07 19.56 -16.00
N SER E 1 -2.91 -1.73 19.87
CA SER E 1 -3.79 -1.92 18.70
C SER E 1 -4.88 -0.83 18.69
N ARG E 2 -6.12 -1.22 18.38
CA ARG E 2 -7.29 -0.36 18.49
C ARG E 2 -8.50 -1.25 18.80
N THR E 3 -9.38 -0.81 19.72
CA THR E 3 -10.66 -1.47 19.91
C THR E 3 -11.32 -1.64 18.54
N PRO E 4 -11.86 -2.83 18.17
CA PRO E 4 -12.59 -2.95 16.90
C PRO E 4 -14.01 -2.41 17.02
N LEU E 6 -17.01 0.86 16.43
CA LEU E 6 -17.51 1.53 15.24
C LEU E 6 -16.56 2.65 14.85
N PRO E 7 -15.99 2.61 13.62
CA PRO E 7 -15.09 3.68 13.18
C PRO E 7 -15.87 4.96 12.89
N THR E 8 -15.16 6.09 12.81
CA THR E 8 -15.73 7.37 12.45
C THR E 8 -15.79 7.53 10.94
N PRO E 9 -16.91 8.03 10.35
CA PRO E 9 -17.03 8.21 8.90
C PRO E 9 -15.75 8.70 8.19
N SER E 27 3.14 18.05 -4.03
CA SER E 27 2.29 18.22 -2.83
C SER E 27 3.11 18.50 -1.57
N LYS E 28 4.38 18.02 -1.52
CA LYS E 28 5.31 18.37 -0.46
C LYS E 28 6.38 19.32 -1.01
N CYS E 29 7.35 19.70 -0.17
CA CYS E 29 8.41 20.63 -0.52
C CYS E 29 9.51 19.92 -1.33
N GLY E 30 9.89 18.71 -0.90
CA GLY E 30 11.13 18.10 -1.33
C GLY E 30 12.29 18.46 -0.39
N LEU E 32 14.42 18.12 3.46
CA LEU E 32 14.98 16.98 4.14
C LEU E 32 13.92 16.40 5.07
N GLY E 33 13.52 15.13 4.88
CA GLY E 33 12.67 14.46 5.86
C GLY E 33 13.38 14.36 7.21
N ASN E 34 12.65 14.42 8.32
CA ASN E 34 13.22 14.10 9.62
C ASN E 34 13.53 12.60 9.71
N MET F 1 -20.52 34.69 13.18
CA MET F 1 -20.54 33.84 14.41
C MET F 1 -21.91 33.17 14.60
N ASP F 2 -22.65 32.95 13.50
CA ASP F 2 -23.90 32.21 13.53
C ASP F 2 -23.61 30.72 13.38
N LYS F 3 -24.60 29.87 13.67
CA LYS F 3 -24.50 28.42 13.51
C LYS F 3 -23.88 28.09 12.16
N ASN F 4 -24.23 28.84 11.11
CA ASN F 4 -23.72 28.62 9.76
C ASN F 4 -22.20 28.82 9.70
N GLU F 5 -21.71 29.89 10.37
CA GLU F 5 -20.29 30.19 10.43
C GLU F 5 -19.58 29.08 11.20
N LEU F 6 -20.05 28.76 12.42
CA LEU F 6 -19.43 27.76 13.28
C LEU F 6 -19.27 26.43 12.55
N VAL F 7 -20.32 25.99 11.85
CA VAL F 7 -20.32 24.72 11.17
C VAL F 7 -19.35 24.80 9.99
N GLN F 8 -19.28 25.95 9.31
CA GLN F 8 -18.33 26.13 8.22
C GLN F 8 -16.91 26.02 8.79
N LYS F 9 -16.69 26.62 9.96
CA LYS F 9 -15.40 26.65 10.64
C LYS F 9 -14.99 25.23 11.07
N ALA F 10 -15.93 24.50 11.66
CA ALA F 10 -15.73 23.12 12.07
C ALA F 10 -15.29 22.28 10.87
N LYS F 11 -15.87 22.55 9.70
CA LYS F 11 -15.55 21.81 8.49
C LYS F 11 -14.14 22.15 8.01
N LEU F 12 -13.73 23.41 8.16
CA LEU F 12 -12.37 23.80 7.82
C LEU F 12 -11.38 23.10 8.74
N ALA F 13 -11.63 23.19 10.04
CA ALA F 13 -10.81 22.53 11.06
C ALA F 13 -10.65 21.05 10.72
N GLU F 14 -11.72 20.40 10.28
CA GLU F 14 -11.68 18.98 9.96
C GLU F 14 -10.72 18.74 8.80
N GLN F 15 -10.81 19.58 7.77
CA GLN F 15 -9.95 19.53 6.60
C GLN F 15 -8.50 19.68 7.03
N ALA F 16 -8.26 20.55 8.03
CA ALA F 16 -6.93 20.87 8.49
C ALA F 16 -6.44 19.90 9.58
N GLU F 17 -7.23 18.88 9.89
CA GLU F 17 -6.89 17.90 10.92
C GLU F 17 -6.60 18.60 12.24
N ARG F 18 -7.41 19.64 12.56
CA ARG F 18 -7.30 20.36 13.81
C ARG F 18 -8.57 20.12 14.63
N TYR F 19 -8.65 18.93 15.22
CA TYR F 19 -9.89 18.42 15.81
C TYR F 19 -10.24 19.12 17.11
N ASP F 20 -9.26 19.72 17.80
CA ASP F 20 -9.53 20.43 19.04
C ASP F 20 -10.39 21.65 18.71
N ASP F 21 -10.00 22.39 17.66
CA ASP F 21 -10.80 23.48 17.13
C ASP F 21 -12.17 22.98 16.70
N MET F 22 -12.20 21.85 15.97
CA MET F 22 -13.42 21.30 15.43
C MET F 22 -14.39 21.03 16.59
N ALA F 23 -13.88 20.40 17.64
CA ALA F 23 -14.67 20.09 18.83
C ALA F 23 -15.21 21.38 19.45
N ALA F 24 -14.34 22.39 19.57
CA ALA F 24 -14.71 23.63 20.24
C ALA F 24 -15.88 24.30 19.52
N CYS F 25 -15.80 24.37 18.19
CA CYS F 25 -16.89 24.91 17.37
C CYS F 25 -18.20 24.17 17.62
N MET F 26 -18.16 22.83 17.58
CA MET F 26 -19.38 22.04 17.65
C MET F 26 -19.94 22.04 19.07
N LYS F 27 -19.08 22.30 20.06
CA LYS F 27 -19.52 22.44 21.44
C LYS F 27 -20.33 23.73 21.59
N SER F 28 -19.90 24.80 20.92
CA SER F 28 -20.61 26.06 20.92
C SER F 28 -21.99 25.92 20.27
N VAL F 29 -22.03 25.25 19.11
CA VAL F 29 -23.29 24.97 18.45
C VAL F 29 -24.21 24.26 19.43
N THR F 30 -23.68 23.23 20.09
CA THR F 30 -24.47 22.42 21.01
C THR F 30 -25.01 23.30 22.13
N GLU F 31 -24.19 24.25 22.59
CA GLU F 31 -24.50 25.08 23.75
C GLU F 31 -25.54 26.15 23.41
N GLN F 32 -25.82 26.37 22.12
CA GLN F 32 -26.87 27.28 21.71
C GLN F 32 -28.26 26.71 22.03
N GLY F 33 -28.32 25.46 22.50
CA GLY F 33 -29.52 24.92 23.13
C GLY F 33 -30.41 24.09 22.18
N ALA F 34 -30.31 24.38 20.87
CA ALA F 34 -31.19 23.80 19.87
C ALA F 34 -30.76 22.38 19.50
N GLU F 35 -31.75 21.54 19.14
CA GLU F 35 -31.50 20.18 18.68
C GLU F 35 -30.60 20.25 17.45
N LEU F 36 -29.62 19.34 17.38
CA LEU F 36 -28.64 19.35 16.30
C LEU F 36 -29.23 18.65 15.07
N SER F 37 -28.91 19.19 13.89
CA SER F 37 -29.19 18.52 12.62
C SER F 37 -28.28 17.30 12.48
N ASN F 38 -28.59 16.42 11.52
CA ASN F 38 -27.77 15.23 11.32
C ASN F 38 -26.33 15.63 11.02
N GLU F 39 -26.17 16.63 10.15
CA GLU F 39 -24.87 17.13 9.76
C GLU F 39 -24.09 17.51 11.02
N GLU F 40 -24.70 18.34 11.87
CA GLU F 40 -24.06 18.90 13.05
C GLU F 40 -23.72 17.79 14.05
N ARG F 41 -24.63 16.84 14.21
CA ARG F 41 -24.43 15.74 15.15
C ARG F 41 -23.21 14.90 14.72
N ASN F 42 -23.07 14.68 13.41
N ASN F 42 -23.11 14.65 13.42
CA ASN F 42 -21.97 13.87 12.91
CA ASN F 42 -21.99 13.89 12.86
C ASN F 42 -20.68 14.67 13.09
C ASN F 42 -20.71 14.66 13.13
N LEU F 43 -20.73 15.97 12.83
CA LEU F 43 -19.56 16.83 13.03
C LEU F 43 -19.11 16.80 14.49
N LEU F 44 -20.07 16.85 15.42
CA LEU F 44 -19.74 16.81 16.84
C LEU F 44 -19.07 15.47 17.16
N SER F 45 -19.68 14.38 16.73
CA SER F 45 -19.19 13.04 17.04
C SER F 45 -17.78 12.84 16.49
N VAL F 46 -17.54 13.31 15.27
CA VAL F 46 -16.24 13.11 14.63
C VAL F 46 -15.19 13.92 15.39
N ALA F 47 -15.50 15.19 15.67
CA ALA F 47 -14.55 16.03 16.37
C ALA F 47 -14.09 15.32 17.65
N TYR F 48 -15.06 14.85 18.45
CA TYR F 48 -14.74 14.32 19.77
C TYR F 48 -14.14 12.93 19.67
N LYS F 49 -14.56 12.11 18.69
CA LYS F 49 -13.96 10.79 18.53
C LYS F 49 -12.45 10.96 18.27
N ASN F 50 -12.09 11.97 17.46
CA ASN F 50 -10.69 12.20 17.12
C ASN F 50 -9.93 12.76 18.32
N VAL F 51 -10.54 13.74 19.01
CA VAL F 51 -9.90 14.37 20.15
C VAL F 51 -9.60 13.32 21.23
N VAL F 52 -10.60 12.50 21.56
CA VAL F 52 -10.44 11.50 22.60
C VAL F 52 -9.56 10.36 22.09
N GLY F 53 -9.62 10.08 20.78
CA GLY F 53 -8.85 9.00 20.18
C GLY F 53 -7.34 9.19 20.29
N ALA F 54 -6.91 10.45 20.19
CA ALA F 54 -5.50 10.78 20.28
C ALA F 54 -4.97 10.40 21.67
N ARG F 55 -5.75 10.73 22.70
CA ARG F 55 -5.39 10.46 24.08
C ARG F 55 -5.44 8.95 24.34
N ARG F 56 -6.50 8.27 23.87
CA ARG F 56 -6.57 6.83 24.07
C ARG F 56 -5.33 6.16 23.48
N SER F 57 -4.93 6.58 22.27
CA SER F 57 -3.80 5.96 21.60
C SER F 57 -2.51 6.22 22.38
N SER F 58 -2.32 7.48 22.80
CA SER F 58 -1.16 7.86 23.58
C SER F 58 -1.09 7.03 24.86
N TRP F 59 -2.23 6.95 25.54
CA TRP F 59 -2.33 6.24 26.81
C TRP F 59 -1.91 4.79 26.65
N ARG F 60 -2.37 4.12 25.59
CA ARG F 60 -2.01 2.72 25.40
C ARG F 60 -0.50 2.59 25.22
N VAL F 61 0.11 3.53 24.47
CA VAL F 61 1.54 3.45 24.19
C VAL F 61 2.33 3.63 25.47
N VAL F 62 2.02 4.68 26.23
CA VAL F 62 2.72 4.95 27.47
C VAL F 62 2.46 3.81 28.46
N SER F 63 1.20 3.39 28.59
CA SER F 63 0.83 2.33 29.52
C SER F 63 1.66 1.07 29.23
N SER F 64 1.77 0.73 27.95
CA SER F 64 2.47 -0.46 27.52
C SER F 64 3.96 -0.37 27.84
N ILE F 65 4.54 0.83 27.68
CA ILE F 65 5.93 1.08 27.98
C ILE F 65 6.17 0.96 29.49
N GLU F 66 5.26 1.54 30.26
CA GLU F 66 5.33 1.52 31.72
C GLU F 66 5.48 0.10 32.25
N GLN F 67 4.61 -0.81 31.77
CA GLN F 67 4.56 -2.18 32.24
C GLN F 67 5.80 -2.97 31.81
N LYS F 68 6.37 -2.64 30.64
CA LYS F 68 7.43 -3.43 30.04
C LYS F 68 8.78 -3.20 30.70
N THR F 69 8.90 -2.22 31.62
CA THR F 69 10.17 -1.93 32.27
C THR F 69 10.06 -2.25 33.77
N GLU F 73 11.82 0.32 38.90
CA GLU F 73 12.71 1.20 38.10
C GLU F 73 12.31 2.66 38.36
N LYS F 74 13.08 3.58 37.79
CA LYS F 74 12.82 5.01 37.89
C LYS F 74 12.03 5.46 36.64
N LYS F 75 12.38 4.86 35.50
CA LYS F 75 11.68 5.08 34.24
C LYS F 75 10.22 4.72 34.39
N GLN F 76 9.88 3.70 35.19
CA GLN F 76 8.49 3.36 35.47
C GLN F 76 7.75 4.53 36.12
N GLN F 77 8.44 5.26 37.01
CA GLN F 77 7.82 6.37 37.74
C GLN F 77 7.63 7.56 36.79
N MET F 78 8.47 7.65 35.75
CA MET F 78 8.35 8.69 34.73
C MET F 78 7.13 8.39 33.86
N ALA F 79 7.09 7.16 33.34
CA ALA F 79 5.99 6.70 32.50
C ALA F 79 4.67 6.78 33.24
N ARG F 80 4.65 6.43 34.54
CA ARG F 80 3.42 6.42 35.31
C ARG F 80 2.88 7.85 35.46
N GLU F 81 3.78 8.82 35.62
CA GLU F 81 3.35 10.19 35.86
C GLU F 81 2.84 10.81 34.55
N TYR F 82 3.45 10.40 33.43
CA TYR F 82 3.01 10.87 32.12
C TYR F 82 1.65 10.25 31.81
N ARG F 83 1.52 8.93 32.01
CA ARG F 83 0.25 8.23 31.87
C ARG F 83 -0.85 8.98 32.59
N GLU F 84 -0.57 9.43 33.81
CA GLU F 84 -1.57 10.09 34.64
C GLU F 84 -1.93 11.44 34.03
N LYS F 85 -0.94 12.12 33.43
CA LYS F 85 -1.17 13.41 32.77
C LYS F 85 -2.13 13.20 31.60
N ILE F 86 -1.90 12.10 30.87
CA ILE F 86 -2.72 11.76 29.72
C ILE F 86 -4.12 11.38 30.19
N GLU F 87 -4.22 10.56 31.25
CA GLU F 87 -5.51 10.14 31.80
C GLU F 87 -6.34 11.36 32.18
N THR F 88 -5.70 12.37 32.77
CA THR F 88 -6.40 13.56 33.23
CA THR F 88 -6.41 13.54 33.23
C THR F 88 -6.98 14.28 32.01
N GLU F 89 -6.20 14.38 30.93
CA GLU F 89 -6.69 15.00 29.71
C GLU F 89 -7.91 14.22 29.20
N LEU F 90 -7.76 12.90 29.18
CA LEU F 90 -8.77 12.02 28.61
C LEU F 90 -10.07 12.12 29.40
N ARG F 91 -9.97 12.17 30.74
N ARG F 91 -9.97 12.15 30.75
CA ARG F 91 -11.15 12.26 31.58
CA ARG F 91 -11.15 12.26 31.60
C ARG F 91 -11.90 13.56 31.32
C ARG F 91 -11.89 13.56 31.33
N ASP F 92 -11.15 14.66 31.23
CA ASP F 92 -11.74 15.97 31.03
C ASP F 92 -12.52 16.00 29.72
N ILE F 93 -11.95 15.37 28.68
CA ILE F 93 -12.59 15.29 27.38
C ILE F 93 -13.90 14.49 27.51
N CYS F 94 -13.83 13.30 28.10
CA CYS F 94 -15.01 12.46 28.25
C CYS F 94 -16.09 13.18 29.05
N ASN F 95 -15.69 13.85 30.14
CA ASN F 95 -16.64 14.53 31.01
C ASN F 95 -17.27 15.70 30.27
N ASP F 96 -16.50 16.33 29.39
CA ASP F 96 -16.98 17.43 28.56
C ASP F 96 -18.11 16.94 27.66
N VAL F 97 -17.94 15.76 27.04
CA VAL F 97 -18.92 15.21 26.12
C VAL F 97 -20.14 14.76 26.92
N LEU F 98 -19.90 14.13 28.07
CA LEU F 98 -20.95 13.54 28.87
C LEU F 98 -21.83 14.64 29.47
N SER F 99 -21.20 15.75 29.84
CA SER F 99 -21.93 16.94 30.26
C SER F 99 -22.83 17.41 29.13
N LEU F 100 -22.28 17.52 27.91
CA LEU F 100 -23.04 17.94 26.74
C LEU F 100 -24.24 17.03 26.52
N LEU F 101 -24.04 15.73 26.68
CA LEU F 101 -25.12 14.77 26.48
C LEU F 101 -26.25 15.05 27.47
N GLU F 102 -25.91 15.22 28.76
CA GLU F 102 -26.93 15.31 29.80
C GLU F 102 -27.66 16.66 29.76
N LYS F 103 -26.98 17.73 29.32
CA LYS F 103 -27.51 19.07 29.39
C LYS F 103 -28.27 19.48 28.11
N PHE F 104 -27.92 18.88 26.96
CA PHE F 104 -28.44 19.38 25.68
C PHE F 104 -28.94 18.25 24.78
N LEU F 105 -28.11 17.22 24.57
CA LEU F 105 -28.30 16.34 23.42
C LEU F 105 -29.38 15.30 23.70
N ILE F 106 -29.29 14.63 24.85
CA ILE F 106 -30.28 13.63 25.23
C ILE F 106 -31.62 14.31 25.55
N PRO F 107 -31.67 15.39 26.36
CA PRO F 107 -32.92 16.12 26.57
C PRO F 107 -33.68 16.47 25.29
N ASN F 108 -32.96 16.90 24.24
CA ASN F 108 -33.57 17.45 23.05
C ASN F 108 -33.86 16.38 22.00
N ALA F 109 -33.52 15.13 22.29
CA ALA F 109 -33.72 14.08 21.30
C ALA F 109 -35.21 13.74 21.18
N SER F 110 -35.84 14.20 20.10
CA SER F 110 -37.29 14.09 19.94
C SER F 110 -37.70 12.76 19.29
N GLN F 111 -36.81 12.14 18.52
CA GLN F 111 -37.12 10.90 17.83
C GLN F 111 -36.18 9.79 18.31
N ALA F 112 -36.63 8.53 18.21
CA ALA F 112 -35.95 7.41 18.84
C ALA F 112 -34.57 7.20 18.24
N GLU F 113 -34.39 7.54 16.96
CA GLU F 113 -33.12 7.39 16.27
C GLU F 113 -32.05 8.24 16.96
N SER F 114 -32.37 9.53 17.18
CA SER F 114 -31.46 10.46 17.83
CA SER F 114 -31.46 10.46 17.83
CA SER F 114 -31.46 10.46 17.83
C SER F 114 -31.20 10.01 19.27
N LYS F 115 -32.26 9.55 19.96
CA LYS F 115 -32.15 9.15 21.35
C LYS F 115 -31.16 7.99 21.45
N VAL F 116 -31.34 6.99 20.58
CA VAL F 116 -30.46 5.83 20.58
C VAL F 116 -29.03 6.29 20.32
N PHE F 117 -28.85 7.25 19.41
CA PHE F 117 -27.53 7.70 19.00
C PHE F 117 -26.78 8.27 20.20
N TYR F 118 -27.42 9.18 20.93
CA TYR F 118 -26.79 9.87 22.04
C TYR F 118 -26.61 8.93 23.23
N LEU F 119 -27.55 8.00 23.44
CA LEU F 119 -27.39 7.05 24.53
C LEU F 119 -26.22 6.11 24.23
N LYS F 120 -26.05 5.76 22.95
CA LYS F 120 -24.91 4.98 22.52
C LYS F 120 -23.61 5.73 22.81
N MET F 121 -23.63 7.03 22.48
CA MET F 121 -22.47 7.89 22.64
C MET F 121 -22.11 7.96 24.13
N LYS F 122 -23.14 8.06 24.99
CA LYS F 122 -22.96 8.04 26.44
C LYS F 122 -22.27 6.75 26.85
N GLY F 123 -22.73 5.61 26.33
CA GLY F 123 -22.09 4.33 26.64
C GLY F 123 -20.61 4.35 26.26
N ASP F 124 -20.31 4.93 25.09
CA ASP F 124 -18.97 4.94 24.54
C ASP F 124 -18.03 5.75 25.43
N TYR F 125 -18.44 6.96 25.80
CA TYR F 125 -17.54 7.84 26.54
C TYR F 125 -17.35 7.32 27.96
N TYR F 126 -18.37 6.66 28.54
CA TYR F 126 -18.19 5.97 29.81
C TYR F 126 -17.23 4.80 29.61
N ARG F 127 -17.32 4.14 28.45
CA ARG F 127 -16.43 3.03 28.16
C ARG F 127 -14.99 3.54 28.08
N TYR F 128 -14.78 4.75 27.54
CA TYR F 128 -13.43 5.28 27.39
C TYR F 128 -12.88 5.57 28.79
N LEU F 129 -13.75 6.06 29.69
CA LEU F 129 -13.37 6.27 31.08
C LEU F 129 -13.02 4.96 31.75
N ALA F 130 -13.81 3.91 31.50
CA ALA F 130 -13.60 2.61 32.11
C ALA F 130 -12.26 1.99 31.69
N GLU F 131 -11.80 2.29 30.47
CA GLU F 131 -10.57 1.73 29.93
C GLU F 131 -9.38 2.14 30.79
N VAL F 132 -9.58 3.24 31.53
CA VAL F 132 -8.51 4.02 32.11
C VAL F 132 -8.68 4.09 33.63
N ALA F 133 -9.81 3.61 34.15
CA ALA F 133 -10.12 3.76 35.56
C ALA F 133 -9.62 2.53 36.33
N ALA F 134 -9.11 2.78 37.54
CA ALA F 134 -8.64 1.73 38.43
C ALA F 134 -9.36 1.83 39.77
N GLY F 135 -9.70 0.65 40.33
CA GLY F 135 -10.09 0.53 41.73
C GLY F 135 -11.50 1.03 42.01
N ASP F 136 -11.58 2.04 42.89
CA ASP F 136 -12.81 2.47 43.54
C ASP F 136 -13.77 3.05 42.51
N ASP F 137 -13.22 3.80 41.53
CA ASP F 137 -14.04 4.44 40.50
C ASP F 137 -14.73 3.39 39.61
N LYS F 138 -14.02 2.30 39.30
CA LYS F 138 -14.24 1.51 38.10
C LYS F 138 -15.63 0.87 38.04
N LYS F 139 -15.96 0.03 39.03
CA LYS F 139 -17.20 -0.73 39.00
C LYS F 139 -18.37 0.21 38.69
N GLY F 140 -18.31 1.44 39.22
CA GLY F 140 -19.38 2.42 39.07
C GLY F 140 -19.46 3.01 37.67
N ILE F 141 -18.29 3.24 37.06
CA ILE F 141 -18.21 3.81 35.72
C ILE F 141 -18.62 2.75 34.70
N VAL F 142 -18.13 1.51 34.88
CA VAL F 142 -18.54 0.38 34.05
C VAL F 142 -20.08 0.26 34.04
N ASP F 143 -20.72 0.41 35.21
CA ASP F 143 -22.16 0.27 35.30
C ASP F 143 -22.84 1.39 34.49
N GLN F 144 -22.36 2.63 34.61
CA GLN F 144 -22.94 3.74 33.87
C GLN F 144 -22.90 3.46 32.37
N SER F 145 -21.79 2.90 31.89
CA SER F 145 -21.65 2.51 30.49
C SER F 145 -22.73 1.48 30.13
N GLN F 146 -22.75 0.37 30.88
CA GLN F 146 -23.70 -0.71 30.64
C GLN F 146 -25.14 -0.18 30.62
N GLN F 147 -25.45 0.72 31.56
CA GLN F 147 -26.80 1.24 31.74
C GLN F 147 -27.23 2.03 30.50
N ALA F 148 -26.29 2.84 29.97
CA ALA F 148 -26.60 3.72 28.84
C ALA F 148 -26.76 2.90 27.56
N TYR F 149 -25.85 1.94 27.35
CA TYR F 149 -25.96 1.03 26.23
C TYR F 149 -27.30 0.31 26.29
N GLN F 150 -27.65 -0.18 27.50
CA GLN F 150 -28.78 -1.08 27.67
C GLN F 150 -30.09 -0.34 27.36
N GLU F 151 -30.19 0.93 27.80
CA GLU F 151 -31.38 1.72 27.51
C GLU F 151 -31.48 1.93 25.99
N ALA F 152 -30.34 2.22 25.36
CA ALA F 152 -30.27 2.46 23.93
C ALA F 152 -30.71 1.20 23.18
N PHE F 153 -30.20 0.05 23.64
CA PHE F 153 -30.46 -1.23 23.00
C PHE F 153 -31.96 -1.52 23.03
N GLU F 154 -32.58 -1.27 24.17
CA GLU F 154 -33.99 -1.58 24.34
C GLU F 154 -34.81 -0.70 23.40
N ILE F 155 -34.55 0.59 23.38
CA ILE F 155 -35.26 1.51 22.50
C ILE F 155 -35.06 1.10 21.04
N SER F 156 -33.83 0.74 20.68
CA SER F 156 -33.50 0.39 19.31
CA SER F 156 -33.52 0.40 19.29
C SER F 156 -34.28 -0.86 18.88
N LYS F 157 -34.46 -1.79 19.83
CA LYS F 157 -35.17 -3.03 19.55
C LYS F 157 -36.67 -2.77 19.40
N LYS F 158 -37.17 -1.71 20.05
CA LYS F 158 -38.59 -1.41 20.03
C LYS F 158 -38.91 -0.50 18.84
N GLU F 159 -38.01 0.43 18.48
CA GLU F 159 -38.35 1.54 17.60
C GLU F 159 -37.66 1.46 16.24
N MET F 160 -36.68 0.58 16.06
CA MET F 160 -35.83 0.68 14.89
C MET F 160 -35.71 -0.68 14.21
N GLN F 161 -35.63 -0.66 12.88
CA GLN F 161 -35.45 -1.88 12.10
C GLN F 161 -34.10 -2.51 12.43
N PRO F 162 -33.95 -3.84 12.34
CA PRO F 162 -32.67 -4.50 12.61
C PRO F 162 -31.54 -4.17 11.63
N THR F 163 -31.84 -3.45 10.55
CA THR F 163 -30.83 -3.07 9.56
C THR F 163 -30.45 -1.60 9.72
N HIS F 164 -31.08 -0.89 10.64
CA HIS F 164 -30.78 0.52 10.81
C HIS F 164 -29.32 0.67 11.27
N PRO F 165 -28.50 1.46 10.53
CA PRO F 165 -27.09 1.65 10.88
C PRO F 165 -26.80 1.96 12.34
N ILE F 166 -27.64 2.80 12.95
CA ILE F 166 -27.40 3.24 14.30
C ILE F 166 -27.65 2.09 15.27
N ARG F 167 -28.65 1.25 14.98
CA ARG F 167 -28.89 0.07 15.78
C ARG F 167 -27.74 -0.91 15.64
N LEU F 168 -27.25 -1.12 14.42
CA LEU F 168 -26.17 -2.07 14.20
C LEU F 168 -24.88 -1.56 14.82
N GLY F 169 -24.65 -0.24 14.70
CA GLY F 169 -23.51 0.39 15.35
C GLY F 169 -23.52 0.15 16.86
N LEU F 170 -24.70 0.34 17.47
CA LEU F 170 -24.87 0.11 18.91
C LEU F 170 -24.53 -1.33 19.26
N ALA F 171 -25.06 -2.29 18.51
CA ALA F 171 -24.78 -3.70 18.76
C ALA F 171 -23.28 -3.94 18.72
N LEU F 172 -22.61 -3.39 17.70
CA LEU F 172 -21.16 -3.56 17.56
C LEU F 172 -20.47 -3.05 18.82
N ASN F 173 -20.74 -1.81 19.20
CA ASN F 173 -20.06 -1.20 20.33
C ASN F 173 -20.44 -1.92 21.63
N PHE F 174 -21.71 -2.29 21.78
CA PHE F 174 -22.16 -2.94 23.00
C PHE F 174 -21.50 -4.31 23.12
N SER F 175 -21.39 -5.03 22.00
CA SER F 175 -20.67 -6.30 21.99
CA SER F 175 -20.68 -6.29 21.99
C SER F 175 -19.23 -6.07 22.43
N VAL F 176 -18.63 -4.98 21.96
CA VAL F 176 -17.25 -4.64 22.29
C VAL F 176 -17.15 -4.36 23.78
N PHE F 177 -18.12 -3.64 24.34
CA PHE F 177 -18.18 -3.42 25.78
C PHE F 177 -18.07 -4.75 26.53
N TYR F 178 -18.91 -5.72 26.14
CA TYR F 178 -18.93 -7.00 26.84
C TYR F 178 -17.55 -7.68 26.76
N TYR F 179 -16.88 -7.57 25.61
CA TYR F 179 -15.66 -8.34 25.37
C TYR F 179 -14.44 -7.70 26.05
N GLU F 180 -14.35 -6.37 26.04
CA GLU F 180 -13.11 -5.70 26.44
C GLU F 180 -13.19 -5.17 27.87
N ILE F 181 -14.39 -4.80 28.33
CA ILE F 181 -14.54 -4.23 29.66
C ILE F 181 -14.99 -5.29 30.67
N LEU F 182 -16.03 -6.07 30.32
CA LEU F 182 -16.59 -7.06 31.24
C LEU F 182 -15.95 -8.43 31.06
N ASN F 183 -15.09 -8.59 30.05
CA ASN F 183 -14.37 -9.83 29.80
CA ASN F 183 -14.37 -9.83 29.80
C ASN F 183 -15.36 -11.01 29.79
N SER F 184 -16.50 -10.82 29.12
CA SER F 184 -17.49 -11.86 28.93
C SER F 184 -17.60 -12.19 27.44
N PRO F 185 -16.71 -13.04 26.87
CA PRO F 185 -16.73 -13.29 25.43
C PRO F 185 -18.01 -14.00 24.94
N LYS F 187 -21.16 -13.63 26.02
CA LYS F 187 -22.21 -12.60 25.90
C LYS F 187 -21.90 -11.71 24.70
N ALA F 188 -20.61 -11.41 24.50
CA ALA F 188 -20.17 -10.55 23.41
C ALA F 188 -20.50 -11.21 22.08
N CYS F 189 -20.10 -12.49 21.92
CA CYS F 189 -20.37 -13.23 20.71
C CYS F 189 -21.88 -13.31 20.44
N SER F 190 -22.67 -13.61 21.48
CA SER F 190 -24.09 -13.85 21.33
CA SER F 190 -24.09 -13.85 21.33
C SER F 190 -24.81 -12.60 20.85
N LEU F 191 -24.41 -11.44 21.39
CA LEU F 191 -25.04 -10.19 21.03
C LEU F 191 -24.74 -9.86 19.57
N ALA F 192 -23.45 -9.95 19.21
CA ALA F 192 -23.01 -9.64 17.87
C ALA F 192 -23.67 -10.56 16.86
N LYS F 193 -23.68 -11.87 17.18
CA LYS F 193 -24.26 -12.88 16.30
C LYS F 193 -25.75 -12.62 16.09
N THR F 194 -26.46 -12.32 17.18
CA THR F 194 -27.88 -12.04 17.12
C THR F 194 -28.14 -10.84 16.21
N ALA F 195 -27.43 -9.74 16.44
CA ALA F 195 -27.65 -8.50 15.70
C ALA F 195 -27.43 -8.75 14.21
N PHE F 196 -26.34 -9.48 13.89
CA PHE F 196 -26.08 -9.86 12.52
C PHE F 196 -27.22 -10.71 11.98
N ASP F 197 -27.53 -11.82 12.65
CA ASP F 197 -28.52 -12.78 12.18
C ASP F 197 -29.88 -12.10 11.95
N GLU F 198 -30.28 -11.21 12.86
CA GLU F 198 -31.53 -10.48 12.75
C GLU F 198 -31.49 -9.55 11.53
N ALA F 199 -30.29 -9.06 11.16
CA ALA F 199 -30.15 -8.13 10.05
C ALA F 199 -30.28 -8.88 8.73
N ILE F 200 -29.56 -10.01 8.58
CA ILE F 200 -29.64 -10.77 7.34
C ILE F 200 -31.06 -11.30 7.17
N ALA F 201 -31.74 -11.60 8.28
CA ALA F 201 -33.09 -12.13 8.23
C ALA F 201 -34.09 -11.08 7.75
N GLU F 202 -33.76 -9.79 7.88
CA GLU F 202 -34.67 -8.72 7.47
C GLU F 202 -33.98 -7.81 6.46
N LEU F 203 -33.31 -8.46 5.50
CA LEU F 203 -32.54 -7.77 4.47
C LEU F 203 -33.47 -6.90 3.63
N ASP F 204 -34.75 -7.27 3.60
CA ASP F 204 -35.74 -6.55 2.80
C ASP F 204 -35.98 -5.15 3.39
N THR F 205 -35.37 -4.83 4.54
CA THR F 205 -35.66 -3.57 5.22
C THR F 205 -34.67 -2.47 4.85
N LEU F 206 -33.61 -2.83 4.11
CA LEU F 206 -32.57 -1.89 3.70
C LEU F 206 -33.19 -0.68 2.99
N SER F 207 -32.58 0.49 3.21
CA SER F 207 -33.10 1.77 2.73
C SER F 207 -32.13 2.41 1.74
N GLU F 208 -32.65 3.28 0.88
CA GLU F 208 -31.86 3.96 -0.13
C GLU F 208 -30.76 4.75 0.56
N GLU F 209 -31.11 5.38 1.70
CA GLU F 209 -30.20 6.34 2.31
C GLU F 209 -29.11 5.62 3.09
N SER F 210 -29.28 4.33 3.43
CA SER F 210 -28.46 3.70 4.45
C SER F 210 -27.95 2.30 4.10
N TYR F 211 -28.30 1.76 2.93
CA TYR F 211 -27.94 0.37 2.63
C TYR F 211 -26.43 0.19 2.75
N LYS F 212 -25.66 1.23 2.38
CA LYS F 212 -24.22 1.16 2.41
C LYS F 212 -23.73 1.03 3.85
N ASP F 213 -24.23 1.91 4.73
CA ASP F 213 -23.80 1.89 6.12
C ASP F 213 -24.26 0.60 6.80
N SER F 214 -25.46 0.14 6.48
CA SER F 214 -25.97 -1.11 7.06
C SER F 214 -25.03 -2.28 6.77
N THR F 215 -24.69 -2.46 5.49
CA THR F 215 -23.96 -3.64 5.06
C THR F 215 -22.51 -3.56 5.56
N LEU F 216 -22.00 -2.34 5.65
CA LEU F 216 -20.66 -2.11 6.17
C LEU F 216 -20.57 -2.59 7.63
N ILE F 217 -21.53 -2.14 8.45
CA ILE F 217 -21.50 -2.45 9.88
C ILE F 217 -21.80 -3.93 10.08
N MET F 218 -22.64 -4.51 9.22
CA MET F 218 -22.91 -5.93 9.25
C MET F 218 -21.60 -6.72 9.08
N GLN F 219 -20.73 -6.23 8.20
CA GLN F 219 -19.43 -6.88 7.96
C GLN F 219 -18.53 -6.66 9.18
N LEU F 220 -18.59 -5.50 9.83
CA LEU F 220 -17.77 -5.27 11.01
C LEU F 220 -18.16 -6.24 12.13
N LEU F 221 -19.46 -6.51 12.28
CA LEU F 221 -19.91 -7.48 13.28
C LEU F 221 -19.32 -8.84 12.97
N ARG F 222 -19.39 -9.28 11.70
CA ARG F 222 -18.84 -10.57 11.30
C ARG F 222 -17.34 -10.60 11.56
N ASP F 223 -16.63 -9.53 11.21
CA ASP F 223 -15.18 -9.45 11.40
C ASP F 223 -14.85 -9.71 12.86
N ASN F 224 -15.57 -9.04 13.77
CA ASN F 224 -15.35 -9.19 15.21
C ASN F 224 -15.65 -10.64 15.64
N LEU F 225 -16.75 -11.21 15.15
CA LEU F 225 -17.11 -12.57 15.50
C LEU F 225 -16.05 -13.55 15.02
N THR F 226 -15.57 -13.35 13.78
CA THR F 226 -14.55 -14.21 13.21
C THR F 226 -13.29 -14.15 14.09
N LEU F 227 -12.84 -12.93 14.41
CA LEU F 227 -11.69 -12.73 15.28
C LEU F 227 -11.88 -13.44 16.63
N TRP F 228 -13.11 -13.36 17.17
CA TRP F 228 -13.39 -13.81 18.53
C TRP F 228 -13.60 -15.33 18.62
N THR F 229 -14.05 -15.96 17.52
CA THR F 229 -14.31 -17.39 17.52
C THR F 229 -13.15 -18.13 16.86
N SER F 230 -12.00 -17.45 16.69
CA SER F 230 -10.86 -18.01 15.98
C SER F 230 -10.94 -19.54 15.96
#